data_1KV4
#
_entry.id   1KV4
#
_entity_poly.entity_id   1
_entity_poly.type   'polypeptide(L)'
_entity_poly.pdbx_seq_one_letter_code
;AKIPIKAIKTVGKAVGKGLRAINIASTANDVFNFLKPKKRKA
;
_entity_poly.pdbx_strand_id   A
#
# COMPACT_ATOMS: atom_id res chain seq x y z
N ALA A 1 10.16 22.70 -20.56
CA ALA A 1 11.46 22.95 -19.89
C ALA A 1 12.20 21.63 -19.66
N LYS A 2 13.52 21.73 -19.52
CA LYS A 2 14.35 20.54 -19.29
C LYS A 2 13.90 19.78 -18.06
N ILE A 3 12.87 18.96 -18.23
CA ILE A 3 12.34 18.16 -17.13
C ILE A 3 11.27 17.18 -17.61
N PRO A 4 11.63 16.29 -18.55
CA PRO A 4 10.71 15.31 -19.10
C PRO A 4 10.79 13.98 -18.36
N ILE A 5 11.89 13.27 -18.52
CA ILE A 5 12.08 11.98 -17.86
C ILE A 5 11.81 12.11 -16.38
N LYS A 6 12.41 13.12 -15.76
CA LYS A 6 12.22 13.36 -14.34
C LYS A 6 10.80 13.81 -14.06
N ALA A 7 10.13 14.28 -15.11
CA ALA A 7 8.75 14.75 -15.01
C ALA A 7 7.80 13.57 -14.92
N ILE A 8 7.98 12.60 -15.82
CA ILE A 8 7.13 11.43 -15.85
C ILE A 8 7.44 10.53 -14.64
N LYS A 9 8.73 10.48 -14.28
CA LYS A 9 9.16 9.69 -13.15
C LYS A 9 8.65 10.30 -11.85
N THR A 10 8.60 11.62 -11.79
CA THR A 10 8.12 12.31 -10.61
C THR A 10 6.65 12.00 -10.37
N VAL A 11 5.86 12.07 -11.44
CA VAL A 11 4.43 11.77 -11.34
C VAL A 11 4.23 10.28 -11.12
N GLY A 12 5.06 9.48 -11.76
CA GLY A 12 4.97 8.04 -11.60
C GLY A 12 5.26 7.64 -10.17
N LYS A 13 6.10 8.43 -9.50
CA LYS A 13 6.45 8.16 -8.11
C LYS A 13 5.28 8.47 -7.20
N ALA A 14 4.52 9.51 -7.55
CA ALA A 14 3.36 9.90 -6.75
C ALA A 14 2.28 8.83 -6.82
N VAL A 15 1.84 8.53 -8.04
CA VAL A 15 0.82 7.51 -8.24
C VAL A 15 1.32 6.15 -7.76
N GLY A 16 2.64 5.96 -7.84
CA GLY A 16 3.22 4.72 -7.40
C GLY A 16 3.15 4.55 -5.90
N LYS A 17 3.44 5.61 -5.16
CA LYS A 17 3.40 5.56 -3.71
C LYS A 17 1.97 5.73 -3.22
N GLY A 18 1.15 6.41 -4.01
CA GLY A 18 -0.24 6.60 -3.64
C GLY A 18 -1.06 5.33 -3.78
N LEU A 19 -0.89 4.66 -4.91
CA LEU A 19 -1.60 3.41 -5.17
C LEU A 19 -1.14 2.34 -4.20
N ARG A 20 0.14 2.34 -3.90
CA ARG A 20 0.70 1.36 -2.97
C ARG A 20 0.22 1.64 -1.57
N ALA A 21 0.24 2.91 -1.17
CA ALA A 21 -0.23 3.28 0.15
C ALA A 21 -1.60 2.69 0.39
N ILE A 22 -2.41 2.64 -0.67
CA ILE A 22 -3.73 2.06 -0.58
C ILE A 22 -3.64 0.54 -0.54
N ASN A 23 -2.55 0.02 -1.11
CA ASN A 23 -2.31 -1.41 -1.14
C ASN A 23 -1.88 -1.92 0.22
N ILE A 24 -0.83 -1.31 0.74
CA ILE A 24 -0.31 -1.70 2.04
C ILE A 24 -1.40 -1.50 3.07
N ALA A 25 -2.34 -0.61 2.74
CA ALA A 25 -3.47 -0.35 3.61
C ALA A 25 -4.58 -1.36 3.33
N SER A 26 -4.57 -1.92 2.12
CA SER A 26 -5.57 -2.91 1.74
C SER A 26 -5.17 -4.29 2.24
N THR A 27 -3.87 -4.58 2.17
CA THR A 27 -3.35 -5.86 2.63
C THR A 27 -3.38 -5.92 4.15
N ALA A 28 -3.16 -4.76 4.78
CA ALA A 28 -3.17 -4.68 6.23
C ALA A 28 -4.56 -4.99 6.77
N ASN A 29 -5.58 -4.73 5.95
CA ASN A 29 -6.96 -5.00 6.33
C ASN A 29 -7.23 -6.49 6.40
N ASP A 30 -7.30 -7.13 5.23
CA ASP A 30 -7.55 -8.56 5.16
C ASP A 30 -6.63 -9.29 6.12
N VAL A 31 -5.37 -8.87 6.18
CA VAL A 31 -4.40 -9.48 7.06
C VAL A 31 -4.79 -9.25 8.51
N PHE A 32 -5.11 -8.00 8.83
CA PHE A 32 -5.51 -7.62 10.18
C PHE A 32 -6.62 -8.54 10.68
N ASN A 33 -7.33 -9.16 9.74
CA ASN A 33 -8.42 -10.06 10.09
C ASN A 33 -8.04 -11.52 9.83
N PHE A 34 -6.90 -11.71 9.15
CA PHE A 34 -6.41 -13.04 8.84
C PHE A 34 -5.87 -13.74 10.08
N LEU A 35 -5.29 -12.95 10.98
CA LEU A 35 -4.74 -13.51 12.21
C LEU A 35 -5.78 -13.50 13.33
N LYS A 36 -7.03 -13.72 12.96
CA LYS A 36 -8.13 -13.75 13.92
C LYS A 36 -8.84 -15.10 13.89
N PRO A 37 -8.18 -16.15 14.41
CA PRO A 37 -8.74 -17.50 14.45
C PRO A 37 -10.11 -17.55 15.11
N LYS A 38 -10.71 -18.73 15.15
CA LYS A 38 -12.03 -18.91 15.76
C LYS A 38 -11.95 -18.72 17.28
N LYS A 39 -10.73 -18.68 17.80
CA LYS A 39 -10.53 -18.50 19.23
C LYS A 39 -11.58 -17.57 19.83
N ARG A 40 -11.45 -16.28 19.55
CA ARG A 40 -12.39 -15.29 20.05
C ARG A 40 -12.12 -14.98 21.52
N LYS A 41 -12.17 -16.02 22.35
CA LYS A 41 -11.93 -15.86 23.78
C LYS A 41 -10.46 -15.64 24.06
N ALA A 42 -10.13 -14.46 24.60
CA ALA A 42 -8.75 -14.12 24.92
C ALA A 42 -7.85 -14.24 23.69
N ALA A 1 -11.56 -22.82 17.19
CA ALA A 1 -11.07 -21.57 17.82
C ALA A 1 -10.44 -20.64 16.78
N LYS A 2 -11.29 -20.00 15.99
CA LYS A 2 -10.83 -19.08 14.96
C LYS A 2 -11.92 -18.08 14.57
N ILE A 3 -12.40 -17.33 15.57
CA ILE A 3 -13.44 -16.33 15.32
C ILE A 3 -13.18 -15.01 16.05
N PRO A 4 -12.90 -15.05 17.37
CA PRO A 4 -12.65 -13.84 18.15
C PRO A 4 -11.15 -13.57 18.34
N ILE A 5 -10.53 -14.31 19.23
CA ILE A 5 -9.11 -14.15 19.50
C ILE A 5 -8.36 -13.90 18.20
N LYS A 6 -8.39 -14.89 17.32
CA LYS A 6 -7.73 -14.81 16.03
C LYS A 6 -8.20 -13.57 15.26
N ALA A 7 -9.40 -13.09 15.61
CA ALA A 7 -9.96 -11.92 14.96
C ALA A 7 -9.25 -10.66 15.39
N ILE A 8 -8.96 -10.55 16.69
CA ILE A 8 -8.28 -9.39 17.24
C ILE A 8 -6.83 -9.32 16.75
N LYS A 9 -6.22 -10.48 16.55
CA LYS A 9 -4.84 -10.53 16.08
C LYS A 9 -4.80 -10.27 14.58
N THR A 10 -5.75 -10.88 13.87
CA THR A 10 -5.84 -10.70 12.43
C THR A 10 -6.16 -9.26 12.08
N VAL A 11 -6.92 -8.60 12.93
CA VAL A 11 -7.30 -7.20 12.71
C VAL A 11 -6.07 -6.30 12.83
N GLY A 12 -5.27 -6.55 13.86
CA GLY A 12 -4.07 -5.76 14.08
C GLY A 12 -3.11 -5.84 12.90
N LYS A 13 -3.11 -7.00 12.23
CA LYS A 13 -2.24 -7.20 11.08
C LYS A 13 -2.83 -6.56 9.84
N ALA A 14 -4.16 -6.49 9.78
CA ALA A 14 -4.85 -5.90 8.65
C ALA A 14 -4.74 -4.38 8.66
N VAL A 15 -4.71 -3.80 9.87
CA VAL A 15 -4.60 -2.36 10.01
C VAL A 15 -3.19 -1.90 9.69
N GLY A 16 -2.20 -2.67 10.13
CA GLY A 16 -0.82 -2.33 9.88
C GLY A 16 -0.46 -2.47 8.40
N LYS A 17 -1.02 -3.49 7.76
CA LYS A 17 -0.77 -3.73 6.35
C LYS A 17 -1.67 -2.85 5.48
N GLY A 18 -2.91 -2.69 5.92
CA GLY A 18 -3.84 -1.86 5.18
C GLY A 18 -3.34 -0.44 5.03
N LEU A 19 -2.69 0.05 6.08
CA LEU A 19 -2.15 1.40 6.06
C LEU A 19 -0.94 1.49 5.16
N ARG A 20 0.06 0.66 5.44
CA ARG A 20 1.28 0.65 4.65
C ARG A 20 0.98 0.32 3.19
N ALA A 21 -0.13 -0.38 2.95
CA ALA A 21 -0.53 -0.74 1.60
C ALA A 21 -1.08 0.47 0.88
N ILE A 22 -1.73 1.35 1.61
CA ILE A 22 -2.28 2.56 1.02
C ILE A 22 -1.14 3.50 0.65
N ASN A 23 0.00 3.29 1.29
CA ASN A 23 1.19 4.10 1.03
C ASN A 23 1.78 3.76 -0.32
N ILE A 24 2.25 2.53 -0.44
CA ILE A 24 2.85 2.07 -1.69
C ILE A 24 1.84 2.29 -2.80
N ALA A 25 0.57 2.38 -2.41
CA ALA A 25 -0.49 2.61 -3.36
C ALA A 25 -0.63 4.10 -3.65
N SER A 26 -0.23 4.93 -2.69
CA SER A 26 -0.30 6.38 -2.86
C SER A 26 0.99 6.92 -3.48
N THR A 27 2.05 6.13 -3.37
CA THR A 27 3.34 6.51 -3.93
C THR A 27 3.40 6.11 -5.40
N ALA A 28 2.69 5.03 -5.74
CA ALA A 28 2.66 4.55 -7.11
C ALA A 28 2.01 5.58 -8.02
N ASN A 29 1.04 6.31 -7.49
CA ASN A 29 0.35 7.33 -8.26
C ASN A 29 1.20 8.59 -8.35
N ASP A 30 1.55 9.14 -7.19
CA ASP A 30 2.37 10.34 -7.14
C ASP A 30 3.63 10.16 -7.98
N VAL A 31 4.16 8.95 -7.97
CA VAL A 31 5.36 8.63 -8.74
C VAL A 31 5.08 8.79 -10.24
N PHE A 32 4.08 8.06 -10.71
CA PHE A 32 3.70 8.11 -12.12
C PHE A 32 3.76 9.53 -12.66
N ASN A 33 3.36 10.48 -11.83
CA ASN A 33 3.36 11.89 -12.21
C ASN A 33 4.77 12.47 -12.22
N PHE A 34 5.53 12.17 -11.17
CA PHE A 34 6.89 12.67 -11.05
C PHE A 34 7.78 12.12 -12.17
N LEU A 35 7.56 10.87 -12.53
CA LEU A 35 8.35 10.22 -13.58
C LEU A 35 7.44 9.65 -14.66
N LYS A 36 6.60 10.51 -15.24
CA LYS A 36 5.67 10.10 -16.28
C LYS A 36 6.39 9.99 -17.62
N PRO A 37 6.89 11.12 -18.13
CA PRO A 37 7.62 11.16 -19.41
C PRO A 37 9.08 10.75 -19.27
N LYS A 38 9.31 9.59 -18.67
CA LYS A 38 10.67 9.09 -18.49
C LYS A 38 11.47 9.18 -19.77
N LYS A 39 10.76 9.22 -20.90
CA LYS A 39 11.41 9.31 -22.20
C LYS A 39 11.95 10.71 -22.46
N ARG A 40 11.24 11.72 -21.97
CA ARG A 40 11.65 13.10 -22.16
C ARG A 40 11.79 13.43 -23.64
N LYS A 41 12.14 14.68 -23.94
CA LYS A 41 12.30 15.10 -25.33
C LYS A 41 13.35 16.21 -25.44
N ALA A 42 13.12 17.30 -24.71
CA ALA A 42 14.05 18.42 -24.74
C ALA A 42 14.59 18.67 -26.13
N ALA A 1 9.10 21.44 -23.58
CA ALA A 1 8.99 19.99 -23.89
C ALA A 1 10.33 19.42 -24.33
N LYS A 2 11.05 18.82 -23.39
CA LYS A 2 12.37 18.23 -23.68
C LYS A 2 12.27 16.70 -23.68
N ILE A 3 12.66 16.08 -22.58
CA ILE A 3 12.63 14.62 -22.47
C ILE A 3 12.25 14.18 -21.07
N PRO A 4 11.27 14.85 -20.43
CA PRO A 4 10.83 14.52 -19.08
C PRO A 4 9.84 13.36 -19.05
N ILE A 5 9.28 13.03 -20.21
CA ILE A 5 8.31 11.95 -20.33
C ILE A 5 8.63 10.80 -19.38
N LYS A 6 9.62 9.99 -19.75
CA LYS A 6 10.02 8.85 -18.95
C LYS A 6 10.03 9.18 -17.46
N ALA A 7 10.27 10.45 -17.13
CA ALA A 7 10.31 10.88 -15.74
C ALA A 7 8.92 10.93 -15.13
N ILE A 8 7.97 11.48 -15.89
CA ILE A 8 6.60 11.59 -15.41
C ILE A 8 5.95 10.21 -15.28
N LYS A 9 6.49 9.24 -16.02
CA LYS A 9 5.96 7.89 -15.98
C LYS A 9 6.38 7.19 -14.69
N THR A 10 7.64 7.35 -14.33
CA THR A 10 8.15 6.75 -13.11
C THR A 10 7.52 7.40 -11.89
N VAL A 11 7.21 8.68 -12.01
CA VAL A 11 6.59 9.43 -10.93
C VAL A 11 5.18 8.94 -10.67
N GLY A 12 4.42 8.77 -11.74
CA GLY A 12 3.05 8.29 -11.61
C GLY A 12 2.99 6.94 -10.93
N LYS A 13 3.98 6.10 -11.21
CA LYS A 13 4.06 4.77 -10.62
C LYS A 13 4.66 4.84 -9.23
N ALA A 14 5.44 5.88 -8.98
CA ALA A 14 6.06 6.07 -7.67
C ALA A 14 5.03 6.42 -6.62
N VAL A 15 4.15 7.35 -6.95
CA VAL A 15 3.10 7.77 -6.04
C VAL A 15 2.08 6.66 -5.87
N GLY A 16 1.82 5.93 -6.95
CA GLY A 16 0.88 4.83 -6.90
C GLY A 16 1.39 3.67 -6.06
N LYS A 17 2.70 3.41 -6.15
CA LYS A 17 3.31 2.34 -5.39
C LYS A 17 3.31 2.66 -3.90
N GLY A 18 3.50 3.93 -3.58
CA GLY A 18 3.51 4.36 -2.20
C GLY A 18 2.17 4.11 -1.52
N LEU A 19 1.09 4.47 -2.20
CA LEU A 19 -0.25 4.27 -1.68
C LEU A 19 -0.52 2.80 -1.41
N ARG A 20 -0.16 1.98 -2.38
CA ARG A 20 -0.34 0.55 -2.25
C ARG A 20 0.42 0.03 -1.05
N ALA A 21 1.67 0.44 -0.94
CA ALA A 21 2.51 0.03 0.19
C ALA A 21 1.80 0.35 1.50
N ILE A 22 1.01 1.42 1.48
CA ILE A 22 0.27 1.81 2.66
C ILE A 22 -0.95 0.92 2.83
N ASN A 23 -1.32 0.21 1.75
CA ASN A 23 -2.46 -0.69 1.81
C ASN A 23 -2.03 -2.04 2.35
N ILE A 24 -1.03 -2.63 1.70
CA ILE A 24 -0.51 -3.90 2.14
C ILE A 24 -0.11 -3.77 3.60
N ALA A 25 0.22 -2.53 3.97
CA ALA A 25 0.59 -2.24 5.33
C ALA A 25 -0.67 -2.04 6.17
N SER A 26 -1.71 -1.52 5.54
CA SER A 26 -2.99 -1.30 6.21
C SER A 26 -3.65 -2.63 6.55
N THR A 27 -3.46 -3.60 5.65
CA THR A 27 -4.01 -4.93 5.84
C THR A 27 -3.30 -5.64 6.98
N ALA A 28 -1.99 -5.48 7.02
CA ALA A 28 -1.18 -6.09 8.07
C ALA A 28 -1.67 -5.67 9.44
N ASN A 29 -2.09 -4.42 9.56
CA ASN A 29 -2.60 -3.90 10.83
C ASN A 29 -3.82 -4.68 11.27
N ASP A 30 -4.90 -4.57 10.52
CA ASP A 30 -6.12 -5.28 10.84
C ASP A 30 -5.82 -6.74 11.14
N VAL A 31 -4.78 -7.26 10.51
CA VAL A 31 -4.37 -8.65 10.71
C VAL A 31 -3.75 -8.83 12.09
N PHE A 32 -2.68 -8.08 12.34
CA PHE A 32 -2.01 -8.15 13.63
C PHE A 32 -3.01 -8.10 14.77
N ASN A 33 -4.09 -7.35 14.56
CA ASN A 33 -5.14 -7.21 15.56
C ASN A 33 -6.06 -8.43 15.55
N PHE A 34 -6.13 -9.09 14.40
CA PHE A 34 -6.97 -10.27 14.24
C PHE A 34 -6.48 -11.41 15.13
N LEU A 35 -5.17 -11.46 15.34
CA LEU A 35 -4.56 -12.49 16.17
C LEU A 35 -4.53 -12.09 17.64
N LYS A 36 -5.26 -11.03 17.98
CA LYS A 36 -5.32 -10.55 19.35
C LYS A 36 -6.44 -11.24 20.12
N PRO A 37 -7.69 -11.10 19.64
CA PRO A 37 -8.86 -11.71 20.27
C PRO A 37 -9.14 -13.11 19.73
N LYS A 38 -8.09 -13.81 19.33
CA LYS A 38 -8.23 -15.16 18.79
C LYS A 38 -8.98 -15.14 17.47
N LYS A 39 -10.28 -14.93 17.54
CA LYS A 39 -11.13 -14.89 16.35
C LYS A 39 -11.36 -13.46 15.89
N ARG A 40 -12.21 -12.74 16.62
CA ARG A 40 -12.51 -11.35 16.29
C ARG A 40 -13.54 -10.77 17.27
N LYS A 41 -13.44 -11.18 18.53
CA LYS A 41 -14.33 -10.70 19.56
C LYS A 41 -15.69 -11.39 19.46
N ALA A 42 -15.67 -12.69 19.18
CA ALA A 42 -16.89 -13.46 19.06
C ALA A 42 -17.88 -13.11 20.17
N ALA A 1 11.04 23.08 -21.11
CA ALA A 1 10.26 22.05 -20.40
C ALA A 1 10.56 20.66 -20.93
N LYS A 2 11.76 20.16 -20.62
CA LYS A 2 12.18 18.84 -21.05
C LYS A 2 12.31 17.89 -19.86
N ILE A 3 12.53 18.46 -18.68
CA ILE A 3 12.67 17.67 -17.47
C ILE A 3 11.32 17.38 -16.83
N PRO A 4 10.45 18.38 -16.75
CA PRO A 4 9.12 18.24 -16.16
C PRO A 4 8.37 17.01 -16.68
N ILE A 5 8.61 16.67 -17.93
CA ILE A 5 7.96 15.50 -18.54
C ILE A 5 8.54 14.22 -17.99
N LYS A 6 9.87 14.14 -17.97
CA LYS A 6 10.56 12.97 -17.45
C LYS A 6 10.42 12.89 -15.94
N ALA A 7 10.08 14.02 -15.33
CA ALA A 7 9.90 14.10 -13.89
C ALA A 7 8.55 13.52 -13.47
N ILE A 8 7.52 13.80 -14.27
CA ILE A 8 6.19 13.30 -13.98
C ILE A 8 6.15 11.79 -14.15
N LYS A 9 6.88 11.29 -15.14
CA LYS A 9 6.93 9.87 -15.42
C LYS A 9 7.57 9.13 -14.24
N THR A 10 8.66 9.68 -13.73
CA THR A 10 9.35 9.07 -12.60
C THR A 10 8.41 8.90 -11.42
N VAL A 11 7.54 9.90 -11.22
CA VAL A 11 6.57 9.85 -10.14
C VAL A 11 5.65 8.64 -10.32
N GLY A 12 5.10 8.51 -11.52
CA GLY A 12 4.21 7.39 -11.81
C GLY A 12 4.82 6.08 -11.37
N LYS A 13 6.14 5.98 -11.50
CA LYS A 13 6.85 4.77 -11.11
C LYS A 13 6.83 4.60 -9.59
N ALA A 14 7.01 5.72 -8.88
CA ALA A 14 7.00 5.71 -7.43
C ALA A 14 5.63 5.31 -6.91
N VAL A 15 4.60 5.99 -7.41
CA VAL A 15 3.23 5.69 -7.00
C VAL A 15 2.90 4.24 -7.31
N GLY A 16 3.58 3.70 -8.33
CA GLY A 16 3.37 2.31 -8.71
C GLY A 16 3.91 1.35 -7.68
N LYS A 17 5.20 1.48 -7.36
CA LYS A 17 5.83 0.63 -6.38
C LYS A 17 5.16 0.83 -5.02
N GLY A 18 4.61 2.04 -4.82
CA GLY A 18 3.93 2.34 -3.58
C GLY A 18 2.60 1.61 -3.50
N LEU A 19 2.01 1.31 -4.64
CA LEU A 19 0.75 0.59 -4.70
C LEU A 19 0.96 -0.85 -4.25
N ARG A 20 1.99 -1.48 -4.82
CA ARG A 20 2.32 -2.85 -4.47
C ARG A 20 2.37 -2.98 -2.95
N ALA A 21 3.22 -2.18 -2.33
CA ALA A 21 3.35 -2.20 -0.89
C ALA A 21 2.00 -2.10 -0.21
N ILE A 22 1.11 -1.31 -0.81
CA ILE A 22 -0.23 -1.13 -0.27
C ILE A 22 -1.03 -2.42 -0.46
N ASN A 23 -0.50 -3.30 -1.30
CA ASN A 23 -1.15 -4.58 -1.58
C ASN A 23 -0.87 -5.55 -0.45
N ILE A 24 0.39 -5.90 -0.27
CA ILE A 24 0.78 -6.81 0.79
C ILE A 24 0.39 -6.18 2.12
N ALA A 25 0.26 -4.86 2.09
CA ALA A 25 -0.13 -4.12 3.27
C ALA A 25 -1.65 -4.12 3.39
N SER A 26 -2.32 -4.27 2.24
CA SER A 26 -3.77 -4.30 2.22
C SER A 26 -4.29 -5.64 2.73
N THR A 27 -3.47 -6.67 2.59
CA THR A 27 -3.83 -8.00 3.06
C THR A 27 -3.40 -8.18 4.50
N ALA A 28 -2.38 -7.42 4.88
CA ALA A 28 -1.85 -7.46 6.25
C ALA A 28 -2.76 -6.72 7.21
N ASN A 29 -3.47 -5.71 6.71
CA ASN A 29 -4.37 -4.93 7.55
C ASN A 29 -5.60 -5.76 7.91
N ASP A 30 -6.14 -6.47 6.93
CA ASP A 30 -7.31 -7.31 7.15
C ASP A 30 -6.95 -8.45 8.10
N VAL A 31 -5.77 -9.01 7.89
CA VAL A 31 -5.27 -10.10 8.72
C VAL A 31 -5.08 -9.61 10.15
N PHE A 32 -4.43 -8.47 10.28
CA PHE A 32 -4.17 -7.86 11.57
C PHE A 32 -5.42 -7.87 12.43
N ASN A 33 -6.55 -7.54 11.81
CA ASN A 33 -7.83 -7.51 12.52
C ASN A 33 -8.46 -8.89 12.60
N PHE A 34 -8.22 -9.71 11.58
CA PHE A 34 -8.78 -11.07 11.54
C PHE A 34 -8.30 -11.89 12.73
N LEU A 35 -7.25 -11.42 13.40
CA LEU A 35 -6.71 -12.13 14.55
C LEU A 35 -5.81 -11.21 15.38
N LYS A 36 -6.41 -10.55 16.37
CA LYS A 36 -5.66 -9.65 17.24
C LYS A 36 -5.81 -10.04 18.71
N PRO A 37 -7.03 -9.92 19.27
CA PRO A 37 -7.27 -10.26 20.67
C PRO A 37 -7.57 -11.75 20.86
N LYS A 38 -7.97 -12.11 22.08
CA LYS A 38 -8.28 -13.49 22.40
C LYS A 38 -9.71 -13.62 22.93
N LYS A 39 -10.45 -12.52 22.89
CA LYS A 39 -11.83 -12.51 23.37
C LYS A 39 -12.70 -13.44 22.53
N ARG A 40 -13.02 -13.00 21.32
CA ARG A 40 -13.85 -13.79 20.41
C ARG A 40 -15.30 -13.79 20.88
N LYS A 41 -16.22 -13.61 19.93
CA LYS A 41 -17.64 -13.60 20.24
C LYS A 41 -18.11 -14.97 20.74
N ALA A 42 -17.32 -15.99 20.46
CA ALA A 42 -17.66 -17.35 20.88
C ALA A 42 -17.86 -17.42 22.38
N ALA A 1 -9.16 -10.39 25.36
CA ALA A 1 -8.50 -11.30 24.38
C ALA A 1 -9.16 -12.68 24.39
N LYS A 2 -10.29 -12.80 23.71
CA LYS A 2 -11.01 -14.07 23.65
C LYS A 2 -11.97 -14.10 22.47
N ILE A 3 -12.88 -13.13 22.43
CA ILE A 3 -13.87 -13.07 21.35
C ILE A 3 -13.36 -12.28 20.14
N PRO A 4 -12.98 -11.00 20.33
CA PRO A 4 -12.50 -10.15 19.22
C PRO A 4 -11.17 -10.63 18.64
N ILE A 5 -10.44 -11.46 19.37
CA ILE A 5 -9.16 -11.96 18.89
C ILE A 5 -9.27 -12.45 17.45
N LYS A 6 -9.89 -13.60 17.28
CA LYS A 6 -10.06 -14.20 15.95
C LYS A 6 -10.63 -13.17 14.98
N ALA A 7 -11.32 -12.17 15.51
CA ALA A 7 -11.91 -11.13 14.68
C ALA A 7 -10.84 -10.19 14.14
N ILE A 8 -9.91 -9.80 15.01
CA ILE A 8 -8.83 -8.90 14.62
C ILE A 8 -7.91 -9.58 13.60
N LYS A 9 -7.90 -10.90 13.61
CA LYS A 9 -7.07 -11.67 12.69
C LYS A 9 -7.66 -11.63 11.28
N THR A 10 -8.96 -11.87 11.20
CA THR A 10 -9.65 -11.86 9.91
C THR A 10 -9.60 -10.48 9.28
N VAL A 11 -9.73 -9.45 10.10
CA VAL A 11 -9.69 -8.08 9.61
C VAL A 11 -8.26 -7.68 9.29
N GLY A 12 -7.31 -8.34 9.95
CA GLY A 12 -5.91 -8.04 9.72
C GLY A 12 -5.45 -8.55 8.37
N LYS A 13 -6.11 -9.60 7.88
CA LYS A 13 -5.76 -10.17 6.59
C LYS A 13 -6.47 -9.44 5.46
N ALA A 14 -7.70 -9.00 5.71
CA ALA A 14 -8.46 -8.27 4.70
C ALA A 14 -8.00 -6.84 4.62
N VAL A 15 -7.88 -6.20 5.77
CA VAL A 15 -7.42 -4.82 5.82
C VAL A 15 -5.91 -4.77 5.64
N GLY A 16 -5.26 -5.90 5.89
CA GLY A 16 -3.81 -5.97 5.73
C GLY A 16 -3.41 -6.13 4.28
N LYS A 17 -4.26 -6.79 3.50
CA LYS A 17 -3.98 -7.01 2.09
C LYS A 17 -4.22 -5.73 1.29
N GLY A 18 -5.32 -5.05 1.58
CA GLY A 18 -5.62 -3.81 0.89
C GLY A 18 -4.61 -2.73 1.21
N LEU A 19 -4.12 -2.74 2.44
CA LEU A 19 -3.14 -1.76 2.88
C LEU A 19 -1.85 -1.90 2.09
N ARG A 20 -1.39 -3.13 1.91
CA ARG A 20 -0.18 -3.38 1.15
C ARG A 20 -0.34 -2.89 -0.27
N ALA A 21 -1.40 -3.33 -0.92
CA ALA A 21 -1.66 -2.92 -2.30
C ALA A 21 -1.53 -1.41 -2.40
N ILE A 22 -1.83 -0.72 -1.32
CA ILE A 22 -1.73 0.73 -1.28
C ILE A 22 -0.28 1.17 -1.09
N ASN A 23 0.52 0.29 -0.49
CA ASN A 23 1.93 0.59 -0.27
C ASN A 23 2.70 0.33 -1.53
N ILE A 24 2.46 -0.81 -2.11
CA ILE A 24 3.09 -1.19 -3.34
C ILE A 24 2.78 -0.12 -4.37
N ALA A 25 1.58 0.45 -4.25
CA ALA A 25 1.15 1.50 -5.14
C ALA A 25 1.71 2.84 -4.69
N SER A 26 2.17 2.89 -3.44
CA SER A 26 2.74 4.10 -2.88
C SER A 26 4.22 4.21 -3.20
N THR A 27 4.88 3.05 -3.35
CA THR A 27 6.30 3.01 -3.67
C THR A 27 6.51 3.26 -5.16
N ALA A 28 5.59 2.76 -5.97
CA ALA A 28 5.68 2.93 -7.42
C ALA A 28 5.39 4.37 -7.82
N ASN A 29 4.63 5.07 -6.98
CA ASN A 29 4.29 6.46 -7.25
C ASN A 29 5.53 7.34 -7.18
N ASP A 30 6.21 7.32 -6.05
CA ASP A 30 7.41 8.11 -5.85
C ASP A 30 8.47 7.73 -6.88
N VAL A 31 8.44 6.47 -7.31
CA VAL A 31 9.38 5.97 -8.30
C VAL A 31 9.05 6.50 -9.69
N PHE A 32 7.78 6.38 -10.06
CA PHE A 32 7.32 6.86 -11.36
C PHE A 32 7.47 8.37 -11.46
N ASN A 33 7.59 9.01 -10.30
CA ASN A 33 7.75 10.47 -10.25
C ASN A 33 9.22 10.85 -10.30
N PHE A 34 10.08 9.99 -9.74
CA PHE A 34 11.51 10.24 -9.73
C PHE A 34 12.10 10.07 -11.13
N LEU A 35 11.43 9.27 -11.95
CA LEU A 35 11.89 9.03 -13.32
C LEU A 35 11.51 10.19 -14.22
N LYS A 36 10.26 10.16 -14.73
CA LYS A 36 9.74 11.20 -15.62
C LYS A 36 10.85 12.05 -16.24
N PRO A 37 11.70 11.42 -17.07
CA PRO A 37 12.81 12.12 -17.73
C PRO A 37 12.32 13.27 -18.60
N LYS A 38 12.63 14.50 -18.19
CA LYS A 38 12.22 15.68 -18.93
C LYS A 38 10.70 15.81 -18.95
N LYS A 39 10.09 15.54 -17.79
CA LYS A 39 8.64 15.62 -17.66
C LYS A 39 7.95 15.06 -18.90
N ARG A 40 8.57 14.06 -19.52
CA ARG A 40 8.01 13.43 -20.71
C ARG A 40 8.11 14.36 -21.91
N LYS A 41 7.48 15.53 -21.80
CA LYS A 41 7.50 16.51 -22.88
C LYS A 41 7.75 17.92 -22.33
N ALA A 42 8.08 18.00 -21.05
CA ALA A 42 8.34 19.28 -20.40
C ALA A 42 9.70 19.27 -19.72
N ALA A 1 11.01 13.61 -26.86
CA ALA A 1 12.44 13.81 -26.49
C ALA A 1 12.57 14.71 -25.26
N LYS A 2 11.97 14.27 -24.15
CA LYS A 2 12.03 15.04 -22.91
C LYS A 2 13.09 14.48 -21.98
N ILE A 3 13.73 15.37 -21.23
CA ILE A 3 14.77 14.97 -20.29
C ILE A 3 14.20 14.65 -18.91
N PRO A 4 13.24 15.45 -18.42
CA PRO A 4 12.61 15.24 -17.12
C PRO A 4 11.50 14.20 -17.16
N ILE A 5 11.20 13.69 -18.35
CA ILE A 5 10.15 12.69 -18.51
C ILE A 5 10.37 11.50 -17.58
N LYS A 6 11.63 11.13 -17.39
CA LYS A 6 11.98 10.02 -16.52
C LYS A 6 11.83 10.43 -15.05
N ALA A 7 12.09 11.70 -14.77
CA ALA A 7 11.98 12.21 -13.41
C ALA A 7 10.53 12.33 -12.98
N ILE A 8 9.66 12.69 -13.93
CA ILE A 8 8.24 12.85 -13.66
C ILE A 8 7.59 11.48 -13.43
N LYS A 9 8.08 10.48 -14.15
CA LYS A 9 7.55 9.13 -14.05
C LYS A 9 8.00 8.48 -12.74
N THR A 10 9.16 8.89 -12.25
CA THR A 10 9.71 8.34 -11.02
C THR A 10 8.95 8.87 -9.81
N VAL A 11 8.50 10.12 -9.90
CA VAL A 11 7.75 10.73 -8.81
C VAL A 11 6.35 10.15 -8.71
N GLY A 12 5.78 9.82 -9.86
CA GLY A 12 4.44 9.24 -9.90
C GLY A 12 4.39 7.82 -9.38
N LYS A 13 5.46 7.06 -9.62
CA LYS A 13 5.53 5.67 -9.17
C LYS A 13 5.87 5.59 -7.69
N ALA A 14 6.64 6.57 -7.21
CA ALA A 14 7.02 6.61 -5.80
C ALA A 14 5.84 6.93 -4.91
N VAL A 15 5.08 7.95 -5.30
CA VAL A 15 3.91 8.36 -4.53
C VAL A 15 2.78 7.35 -4.71
N GLY A 16 2.81 6.64 -5.83
CA GLY A 16 1.79 5.64 -6.09
C GLY A 16 2.02 4.35 -5.33
N LYS A 17 3.28 4.06 -5.03
CA LYS A 17 3.63 2.85 -4.31
C LYS A 17 3.50 3.08 -2.80
N GLY A 18 3.89 4.27 -2.35
CA GLY A 18 3.80 4.60 -0.94
C GLY A 18 2.37 4.63 -0.45
N LEU A 19 1.49 5.20 -1.26
CA LEU A 19 0.08 5.30 -0.92
C LEU A 19 -0.61 3.95 -1.11
N ARG A 20 -0.30 3.30 -2.23
CA ARG A 20 -0.88 1.99 -2.53
C ARG A 20 -0.46 0.96 -1.49
N ALA A 21 0.83 0.92 -1.19
CA ALA A 21 1.36 -0.01 -0.21
C ALA A 21 0.75 0.25 1.16
N ILE A 22 0.54 1.52 1.48
CA ILE A 22 -0.05 1.89 2.75
C ILE A 22 -1.50 1.46 2.77
N ASN A 23 -2.05 1.23 1.59
CA ASN A 23 -3.43 0.78 1.46
C ASN A 23 -3.53 -0.69 1.79
N ILE A 24 -2.89 -1.50 0.97
CA ILE A 24 -2.87 -2.92 1.18
C ILE A 24 -2.36 -3.21 2.58
N ALA A 25 -1.62 -2.25 3.12
CA ALA A 25 -1.08 -2.36 4.45
C ALA A 25 -2.07 -1.83 5.48
N SER A 26 -2.95 -0.93 5.03
CA SER A 26 -3.95 -0.35 5.91
C SER A 26 -5.15 -1.28 6.02
N THR A 27 -5.45 -1.96 4.93
CA THR A 27 -6.58 -2.90 4.89
C THR A 27 -6.22 -4.18 5.62
N ALA A 28 -4.97 -4.61 5.47
CA ALA A 28 -4.50 -5.83 6.12
C ALA A 28 -4.42 -5.64 7.63
N ASN A 29 -4.30 -4.39 8.07
CA ASN A 29 -4.23 -4.09 9.50
C ASN A 29 -5.60 -4.21 10.14
N ASP A 30 -6.55 -3.42 9.65
CA ASP A 30 -7.91 -3.45 10.18
C ASP A 30 -8.51 -4.85 10.01
N VAL A 31 -8.18 -5.48 8.90
CA VAL A 31 -8.67 -6.83 8.61
C VAL A 31 -7.97 -7.85 9.50
N PHE A 32 -6.65 -7.72 9.60
CA PHE A 32 -5.85 -8.60 10.43
C PHE A 32 -6.43 -8.70 11.83
N ASN A 33 -7.04 -7.62 12.28
CA ASN A 33 -7.65 -7.57 13.61
C ASN A 33 -8.98 -8.31 13.63
N PHE A 34 -9.77 -8.11 12.57
CA PHE A 34 -11.06 -8.75 12.45
C PHE A 34 -10.91 -10.18 11.95
N LEU A 35 -9.67 -10.63 11.80
CA LEU A 35 -9.38 -11.97 11.32
C LEU A 35 -8.14 -12.53 12.01
N LYS A 36 -8.23 -12.74 13.32
CA LYS A 36 -7.12 -13.26 14.10
C LYS A 36 -7.47 -14.62 14.72
N PRO A 37 -7.77 -15.62 13.88
CA PRO A 37 -8.12 -16.96 14.34
C PRO A 37 -7.24 -17.42 15.50
N LYS A 38 -5.94 -17.21 15.37
CA LYS A 38 -4.99 -17.61 16.41
C LYS A 38 -5.52 -17.29 17.79
N LYS A 39 -6.11 -16.11 17.93
CA LYS A 39 -6.66 -15.68 19.21
C LYS A 39 -8.18 -15.58 19.16
N ARG A 40 -8.73 -15.52 17.96
CA ARG A 40 -10.17 -15.43 17.78
C ARG A 40 -10.85 -16.75 18.11
N LYS A 41 -11.54 -16.79 19.24
CA LYS A 41 -12.25 -18.00 19.67
C LYS A 41 -13.57 -18.15 18.94
N ALA A 42 -13.61 -19.02 17.94
CA ALA A 42 -14.82 -19.25 17.17
C ALA A 42 -15.59 -20.44 17.73
N ALA A 1 -19.40 -14.34 21.85
CA ALA A 1 -18.22 -14.73 21.03
C ALA A 1 -18.62 -15.73 19.94
N LYS A 2 -18.61 -15.26 18.69
CA LYS A 2 -18.97 -16.09 17.56
C LYS A 2 -17.86 -16.11 16.52
N ILE A 3 -16.78 -16.81 16.82
CA ILE A 3 -15.64 -16.91 15.92
C ILE A 3 -15.06 -15.52 15.67
N PRO A 4 -14.74 -14.79 16.76
CA PRO A 4 -14.18 -13.44 16.68
C PRO A 4 -12.74 -13.43 16.18
N ILE A 5 -12.11 -14.60 16.16
CA ILE A 5 -10.73 -14.72 15.71
C ILE A 5 -10.52 -13.95 14.42
N LYS A 6 -11.42 -14.17 13.46
CA LYS A 6 -11.34 -13.48 12.18
C LYS A 6 -11.37 -11.97 12.36
N ALA A 7 -11.87 -11.54 13.52
CA ALA A 7 -11.96 -10.11 13.83
C ALA A 7 -10.59 -9.54 14.15
N ILE A 8 -9.87 -10.21 15.04
CA ILE A 8 -8.54 -9.78 15.43
C ILE A 8 -7.59 -9.77 14.23
N LYS A 9 -7.86 -10.66 13.28
CA LYS A 9 -7.03 -10.76 12.08
C LYS A 9 -7.24 -9.54 11.20
N THR A 10 -8.49 -9.10 11.08
CA THR A 10 -8.82 -7.93 10.27
C THR A 10 -8.06 -6.70 10.77
N VAL A 11 -7.96 -6.57 12.09
CA VAL A 11 -7.26 -5.46 12.69
C VAL A 11 -5.77 -5.55 12.39
N GLY A 12 -5.19 -6.69 12.73
CA GLY A 12 -3.77 -6.90 12.48
C GLY A 12 -3.45 -6.80 11.00
N LYS A 13 -4.47 -7.05 10.17
CA LYS A 13 -4.29 -6.98 8.72
C LYS A 13 -4.43 -5.54 8.24
N ALA A 14 -5.19 -4.75 8.98
CA ALA A 14 -5.40 -3.35 8.62
C ALA A 14 -4.13 -2.54 8.86
N VAL A 15 -3.61 -2.63 10.07
CA VAL A 15 -2.37 -1.92 10.42
C VAL A 15 -1.19 -2.49 9.65
N GLY A 16 -1.24 -3.80 9.39
CA GLY A 16 -0.18 -4.44 8.65
C GLY A 16 -0.21 -4.10 7.18
N LYS A 17 -1.41 -3.81 6.67
CA LYS A 17 -1.57 -3.46 5.27
C LYS A 17 -1.25 -1.98 5.05
N GLY A 18 -1.61 -1.16 6.02
CA GLY A 18 -1.36 0.27 5.94
C GLY A 18 0.12 0.59 5.88
N LEU A 19 0.91 -0.11 6.68
CA LEU A 19 2.35 0.10 6.72
C LEU A 19 3.00 -0.46 5.47
N ARG A 20 2.60 -1.68 5.10
CA ARG A 20 3.14 -2.31 3.91
C ARG A 20 2.81 -1.47 2.69
N ALA A 21 1.54 -1.12 2.56
CA ALA A 21 1.11 -0.31 1.44
C ALA A 21 1.91 0.97 1.38
N ILE A 22 2.25 1.49 2.55
CA ILE A 22 3.05 2.69 2.65
C ILE A 22 4.49 2.36 2.25
N ASN A 23 4.79 1.08 2.13
CA ASN A 23 6.14 0.65 1.75
C ASN A 23 6.33 0.77 0.24
N ILE A 24 5.51 0.04 -0.50
CA ILE A 24 5.60 0.10 -1.95
C ILE A 24 5.24 1.50 -2.40
N ALA A 25 4.49 2.18 -1.54
CA ALA A 25 4.09 3.54 -1.79
C ALA A 25 5.23 4.48 -1.40
N SER A 26 6.03 4.04 -0.44
CA SER A 26 7.17 4.83 0.02
C SER A 26 8.28 4.79 -1.01
N THR A 27 8.62 3.59 -1.46
CA THR A 27 9.65 3.42 -2.47
C THR A 27 9.19 4.02 -3.80
N ALA A 28 7.88 4.00 -4.01
CA ALA A 28 7.31 4.54 -5.23
C ALA A 28 7.51 6.05 -5.30
N ASN A 29 7.67 6.66 -4.12
CA ASN A 29 7.88 8.11 -4.05
C ASN A 29 9.08 8.52 -4.89
N ASP A 30 10.28 8.27 -4.38
CA ASP A 30 11.50 8.61 -5.09
C ASP A 30 11.38 8.25 -6.57
N VAL A 31 10.70 7.15 -6.85
CA VAL A 31 10.51 6.69 -8.22
C VAL A 31 9.66 7.68 -9.01
N PHE A 32 8.55 8.08 -8.41
CA PHE A 32 7.64 9.03 -9.05
C PHE A 32 8.32 10.37 -9.28
N ASN A 33 9.27 10.71 -8.40
CA ASN A 33 10.01 11.96 -8.51
C ASN A 33 11.23 11.80 -9.39
N PHE A 34 11.54 10.55 -9.77
CA PHE A 34 12.69 10.27 -10.61
C PHE A 34 12.34 10.40 -12.09
N LEU A 35 11.11 10.05 -12.44
CA LEU A 35 10.66 10.12 -13.82
C LEU A 35 9.33 10.86 -13.93
N LYS A 36 9.38 12.17 -13.84
CA LYS A 36 8.17 13.00 -13.93
C LYS A 36 8.30 14.04 -15.04
N PRO A 37 8.72 13.62 -16.23
CA PRO A 37 8.89 14.51 -17.38
C PRO A 37 7.56 14.94 -17.99
N LYS A 38 6.59 14.04 -17.99
CA LYS A 38 5.26 14.32 -18.53
C LYS A 38 5.22 14.08 -20.03
N LYS A 39 6.26 14.54 -20.72
CA LYS A 39 6.37 14.39 -22.17
C LYS A 39 5.63 13.15 -22.66
N ARG A 40 6.02 11.99 -22.12
CA ARG A 40 5.40 10.72 -22.51
C ARG A 40 4.36 10.29 -21.49
N LYS A 41 3.21 9.81 -21.99
CA LYS A 41 2.14 9.34 -21.12
C LYS A 41 2.44 7.95 -20.60
N ALA A 42 3.31 7.88 -19.59
CA ALA A 42 3.69 6.61 -18.99
C ALA A 42 2.64 6.12 -18.00
N ALA A 1 17.54 10.06 -22.19
CA ALA A 1 17.10 11.00 -21.13
C ALA A 1 17.50 12.43 -21.46
N LYS A 2 16.90 13.40 -20.76
CA LYS A 2 17.19 14.80 -20.99
C LYS A 2 17.05 15.62 -19.69
N ILE A 3 15.82 15.96 -19.34
CA ILE A 3 15.57 16.73 -18.13
C ILE A 3 14.17 16.48 -17.57
N PRO A 4 13.12 16.92 -18.29
CA PRO A 4 11.72 16.75 -17.86
C PRO A 4 11.28 15.29 -17.80
N ILE A 5 12.03 14.42 -18.46
CA ILE A 5 11.69 12.99 -18.47
C ILE A 5 11.55 12.45 -17.06
N LYS A 6 12.48 12.82 -16.18
CA LYS A 6 12.45 12.36 -14.81
C LYS A 6 11.25 12.95 -14.07
N ALA A 7 10.66 13.99 -14.66
CA ALA A 7 9.50 14.63 -14.06
C ALA A 7 8.24 13.82 -14.29
N ILE A 8 8.05 13.38 -15.53
CA ILE A 8 6.88 12.58 -15.89
C ILE A 8 6.93 11.22 -15.19
N LYS A 9 8.15 10.71 -15.00
CA LYS A 9 8.33 9.42 -14.33
C LYS A 9 7.98 9.53 -12.85
N THR A 10 8.36 10.65 -12.25
CA THR A 10 8.07 10.88 -10.84
C THR A 10 6.56 10.88 -10.59
N VAL A 11 5.82 11.46 -11.53
CA VAL A 11 4.37 11.53 -11.41
C VAL A 11 3.76 10.15 -11.60
N GLY A 12 4.30 9.39 -12.55
CA GLY A 12 3.81 8.05 -12.80
C GLY A 12 4.13 7.12 -11.65
N LYS A 13 5.22 7.40 -10.95
CA LYS A 13 5.63 6.59 -9.82
C LYS A 13 4.89 7.04 -8.56
N ALA A 14 4.49 8.31 -8.53
CA ALA A 14 3.77 8.85 -7.38
C ALA A 14 2.35 8.31 -7.35
N VAL A 15 1.69 8.34 -8.50
CA VAL A 15 0.33 7.84 -8.62
C VAL A 15 0.30 6.32 -8.45
N GLY A 16 1.35 5.67 -8.94
CA GLY A 16 1.43 4.23 -8.84
C GLY A 16 1.68 3.77 -7.41
N LYS A 17 2.46 4.54 -6.66
CA LYS A 17 2.75 4.20 -5.27
C LYS A 17 1.53 4.42 -4.40
N GLY A 18 0.67 5.35 -4.81
CA GLY A 18 -0.54 5.61 -4.05
C GLY A 18 -1.48 4.43 -4.05
N LEU A 19 -1.87 4.00 -5.25
CA LEU A 19 -2.76 2.86 -5.39
C LEU A 19 -2.19 1.66 -4.64
N ARG A 20 -0.88 1.50 -4.70
CA ARG A 20 -0.21 0.39 -4.02
C ARG A 20 -0.31 0.56 -2.51
N ALA A 21 -0.24 1.80 -2.06
CA ALA A 21 -0.36 2.08 -0.64
C ALA A 21 -1.74 1.71 -0.15
N ILE A 22 -2.68 1.61 -1.08
CA ILE A 22 -4.05 1.24 -0.76
C ILE A 22 -4.17 -0.26 -0.58
N ASN A 23 -3.44 -1.02 -1.40
CA ASN A 23 -3.46 -2.46 -1.30
C ASN A 23 -2.63 -2.90 -0.13
N ILE A 24 -1.46 -2.32 -0.05
CA ILE A 24 -0.56 -2.59 1.04
C ILE A 24 -1.30 -2.31 2.33
N ALA A 25 -2.17 -1.31 2.27
CA ALA A 25 -2.98 -0.94 3.41
C ALA A 25 -4.09 -1.95 3.60
N SER A 26 -4.41 -2.67 2.52
CA SER A 26 -5.44 -3.69 2.55
C SER A 26 -4.90 -4.98 3.18
N THR A 27 -3.62 -5.24 2.97
CA THR A 27 -2.98 -6.42 3.50
C THR A 27 -2.76 -6.29 5.01
N ALA A 28 -2.52 -5.06 5.46
CA ALA A 28 -2.30 -4.78 6.87
C ALA A 28 -3.58 -4.97 7.67
N ASN A 29 -4.71 -4.62 7.06
CA ASN A 29 -6.00 -4.76 7.73
C ASN A 29 -6.31 -6.23 7.97
N ASP A 30 -5.95 -7.08 7.01
CA ASP A 30 -6.16 -8.51 7.12
C ASP A 30 -5.24 -9.09 8.19
N VAL A 31 -4.10 -8.45 8.37
CA VAL A 31 -3.12 -8.88 9.36
C VAL A 31 -3.59 -8.52 10.76
N PHE A 32 -3.92 -7.26 10.95
CA PHE A 32 -4.40 -6.77 12.24
C PHE A 32 -5.70 -7.48 12.63
N ASN A 33 -6.42 -7.97 11.63
CA ASN A 33 -7.68 -8.67 11.88
C ASN A 33 -7.42 -10.11 12.29
N PHE A 34 -6.51 -10.77 11.60
CA PHE A 34 -6.16 -12.15 11.91
C PHE A 34 -5.75 -12.26 13.37
N LEU A 35 -5.21 -11.17 13.91
CA LEU A 35 -4.77 -11.15 15.30
C LEU A 35 -5.82 -10.49 16.19
N LYS A 36 -6.86 -9.92 15.58
CA LYS A 36 -7.93 -9.27 16.32
C LYS A 36 -8.60 -10.24 17.29
N PRO A 37 -8.99 -11.41 16.80
CA PRO A 37 -9.65 -12.42 17.61
C PRO A 37 -8.67 -13.22 18.47
N LYS A 38 -8.45 -12.74 19.69
CA LYS A 38 -7.55 -13.40 20.62
C LYS A 38 -8.14 -14.70 21.12
N LYS A 39 -9.43 -14.88 20.91
CA LYS A 39 -10.13 -16.09 21.35
C LYS A 39 -10.33 -17.06 20.18
N ARG A 40 -10.04 -16.58 18.97
CA ARG A 40 -10.18 -17.40 17.78
C ARG A 40 -11.66 -17.60 17.43
N LYS A 41 -12.37 -18.33 18.28
CA LYS A 41 -13.79 -18.59 18.06
C LYS A 41 -14.48 -17.37 17.47
N ALA A 42 -15.33 -17.60 16.47
CA ALA A 42 -16.05 -16.51 15.83
C ALA A 42 -16.55 -16.94 14.44
N ALA A 1 -17.09 -20.80 22.23
CA ALA A 1 -17.03 -19.55 21.43
C ALA A 1 -15.60 -19.25 20.99
N LYS A 2 -15.45 -18.69 19.80
CA LYS A 2 -14.14 -18.37 19.26
C LYS A 2 -14.26 -17.53 17.98
N ILE A 3 -15.15 -16.55 18.02
CA ILE A 3 -15.38 -15.68 16.86
C ILE A 3 -14.56 -14.39 16.92
N PRO A 4 -14.25 -13.87 18.13
CA PRO A 4 -13.49 -12.62 18.26
C PRO A 4 -11.99 -12.81 18.00
N ILE A 5 -11.50 -14.03 18.21
CA ILE A 5 -10.08 -14.32 18.00
C ILE A 5 -9.70 -14.06 16.54
N LYS A 6 -10.26 -14.86 15.65
CA LYS A 6 -10.00 -14.73 14.23
C LYS A 6 -10.40 -13.34 13.74
N ALA A 7 -11.28 -12.69 14.51
CA ALA A 7 -11.74 -11.35 14.17
C ALA A 7 -10.69 -10.31 14.52
N ILE A 8 -10.09 -10.45 15.69
CA ILE A 8 -9.07 -9.52 16.15
C ILE A 8 -7.80 -9.66 15.32
N LYS A 9 -7.58 -10.84 14.75
CA LYS A 9 -6.40 -11.09 13.93
C LYS A 9 -6.57 -10.44 12.56
N THR A 10 -7.77 -10.48 12.02
CA THR A 10 -8.06 -9.89 10.73
C THR A 10 -7.96 -8.38 10.82
N VAL A 11 -8.49 -7.82 11.90
CA VAL A 11 -8.45 -6.38 12.10
C VAL A 11 -7.02 -5.92 12.33
N GLY A 12 -6.28 -6.65 13.15
CA GLY A 12 -4.91 -6.31 13.42
C GLY A 12 -4.07 -6.36 12.16
N LYS A 13 -4.37 -7.33 11.30
CA LYS A 13 -3.65 -7.49 10.04
C LYS A 13 -4.10 -6.40 9.07
N ALA A 14 -5.30 -5.88 9.28
CA ALA A 14 -5.84 -4.83 8.43
C ALA A 14 -5.07 -3.53 8.64
N VAL A 15 -4.98 -3.11 9.90
CA VAL A 15 -4.27 -1.89 10.24
C VAL A 15 -2.82 -1.97 9.79
N GLY A 16 -2.24 -3.15 9.87
CA GLY A 16 -0.86 -3.35 9.45
C GLY A 16 -0.71 -3.21 7.95
N LYS A 17 -1.71 -3.69 7.21
CA LYS A 17 -1.69 -3.60 5.75
C LYS A 17 -2.00 -2.19 5.30
N GLY A 18 -2.83 -1.49 6.06
CA GLY A 18 -3.19 -0.13 5.72
C GLY A 18 -1.97 0.78 5.75
N LEU A 19 -1.20 0.69 6.83
CA LEU A 19 0.00 1.50 6.97
C LEU A 19 0.98 1.18 5.85
N ARG A 20 1.23 -0.12 5.65
CA ARG A 20 2.13 -0.55 4.60
C ARG A 20 1.61 -0.11 3.25
N ALA A 21 0.28 -0.07 3.12
CA ALA A 21 -0.34 0.35 1.88
C ALA A 21 0.08 1.77 1.56
N ILE A 22 0.29 2.57 2.59
CA ILE A 22 0.73 3.94 2.41
C ILE A 22 2.18 3.92 1.95
N ASN A 23 2.88 2.85 2.32
CA ASN A 23 4.28 2.69 1.96
C ASN A 23 4.40 2.37 0.48
N ILE A 24 3.85 1.23 0.09
CA ILE A 24 3.87 0.83 -1.29
C ILE A 24 3.26 1.93 -2.13
N ALA A 25 2.47 2.77 -1.46
CA ALA A 25 1.84 3.88 -2.12
C ALA A 25 2.81 5.05 -2.19
N SER A 26 3.70 5.12 -1.19
CA SER A 26 4.70 6.17 -1.14
C SER A 26 5.80 5.89 -2.17
N THR A 27 6.05 4.61 -2.41
CA THR A 27 7.06 4.21 -3.38
C THR A 27 6.58 4.51 -4.79
N ALA A 28 5.31 4.24 -5.05
CA ALA A 28 4.73 4.49 -6.35
C ALA A 28 4.89 5.96 -6.74
N ASN A 29 4.93 6.83 -5.73
CA ASN A 29 5.09 8.25 -5.97
C ASN A 29 6.36 8.52 -6.77
N ASP A 30 7.50 8.32 -6.14
CA ASP A 30 8.78 8.54 -6.80
C ASP A 30 8.82 7.83 -8.14
N VAL A 31 8.18 6.66 -8.21
CA VAL A 31 8.13 5.88 -9.44
C VAL A 31 7.36 6.64 -10.51
N PHE A 32 6.21 7.19 -10.13
CA PHE A 32 5.37 7.95 -11.04
C PHE A 32 6.18 9.05 -11.72
N ASN A 33 7.15 9.59 -10.98
CA ASN A 33 8.01 10.65 -11.49
C ASN A 33 9.07 10.08 -12.43
N PHE A 34 9.61 8.92 -12.07
CA PHE A 34 10.63 8.26 -12.87
C PHE A 34 10.04 7.74 -14.17
N LEU A 35 8.72 7.72 -14.25
CA LEU A 35 8.03 7.25 -15.46
C LEU A 35 7.73 8.41 -16.41
N LYS A 36 8.21 9.59 -16.05
CA LYS A 36 8.00 10.79 -16.87
C LYS A 36 9.33 11.38 -17.30
N PRO A 37 10.02 10.71 -18.24
CA PRO A 37 11.31 11.18 -18.76
C PRO A 37 11.26 12.63 -19.22
N LYS A 38 12.42 13.23 -19.43
CA LYS A 38 12.49 14.61 -19.87
C LYS A 38 11.56 14.87 -21.05
N LYS A 39 11.30 13.83 -21.83
CA LYS A 39 10.43 13.93 -22.99
C LYS A 39 9.10 13.23 -22.73
N ARG A 40 8.53 13.47 -21.55
CA ARG A 40 7.26 12.85 -21.18
C ARG A 40 6.13 13.36 -22.07
N LYS A 41 5.56 12.46 -22.86
CA LYS A 41 4.47 12.82 -23.76
C LYS A 41 3.13 12.83 -23.01
N ALA A 42 2.06 13.19 -23.72
CA ALA A 42 0.74 13.23 -23.11
C ALA A 42 0.57 14.48 -22.26
N ALA A 1 -14.90 -17.90 24.47
CA ALA A 1 -15.10 -16.47 24.78
C ALA A 1 -13.81 -15.82 25.27
N LYS A 2 -12.73 -16.04 24.54
CA LYS A 2 -11.44 -15.48 24.90
C LYS A 2 -11.13 -14.25 24.06
N ILE A 3 -12.17 -13.61 23.54
CA ILE A 3 -12.01 -12.43 22.72
C ILE A 3 -11.22 -12.75 21.46
N PRO A 4 -11.65 -13.77 20.71
CA PRO A 4 -10.99 -14.20 19.48
C PRO A 4 -11.06 -13.13 18.38
N ILE A 5 -12.06 -12.26 18.47
CA ILE A 5 -12.23 -11.20 17.50
C ILE A 5 -10.88 -10.64 17.05
N LYS A 6 -10.21 -9.95 17.97
CA LYS A 6 -8.90 -9.37 17.67
C LYS A 6 -8.08 -10.31 16.79
N ALA A 7 -8.23 -11.60 17.02
CA ALA A 7 -7.50 -12.60 16.26
C ALA A 7 -7.88 -12.54 14.77
N ILE A 8 -9.18 -12.63 14.50
CA ILE A 8 -9.69 -12.56 13.14
C ILE A 8 -9.32 -11.24 12.49
N LYS A 9 -8.93 -10.27 13.31
CA LYS A 9 -8.56 -8.94 12.82
C LYS A 9 -7.11 -8.94 12.36
N THR A 10 -6.28 -9.75 13.00
CA THR A 10 -4.86 -9.84 12.65
C THR A 10 -4.70 -10.56 11.32
N VAL A 11 -5.55 -11.54 11.06
CA VAL A 11 -5.49 -12.29 9.82
C VAL A 11 -6.07 -11.45 8.69
N GLY A 12 -7.20 -10.82 8.96
CA GLY A 12 -7.86 -9.98 7.97
C GLY A 12 -7.06 -8.73 7.67
N LYS A 13 -6.31 -8.24 8.64
CA LYS A 13 -5.51 -7.04 8.46
C LYS A 13 -4.23 -7.36 7.70
N ALA A 14 -3.76 -8.59 7.83
CA ALA A 14 -2.54 -9.02 7.15
C ALA A 14 -2.79 -9.16 5.65
N VAL A 15 -3.87 -9.84 5.31
CA VAL A 15 -4.24 -10.05 3.92
C VAL A 15 -4.63 -8.73 3.26
N GLY A 16 -5.19 -7.83 4.05
CA GLY A 16 -5.60 -6.54 3.53
C GLY A 16 -4.41 -5.64 3.26
N LYS A 17 -3.39 -5.74 4.10
CA LYS A 17 -2.19 -4.93 3.93
C LYS A 17 -1.38 -5.40 2.74
N GLY A 18 -1.34 -6.71 2.54
CA GLY A 18 -0.60 -7.26 1.42
C GLY A 18 -1.15 -6.81 0.09
N LEU A 19 -2.48 -6.87 -0.05
CA LEU A 19 -3.14 -6.46 -1.28
C LEU A 19 -2.83 -4.99 -1.58
N ARG A 20 -2.84 -4.16 -0.55
CA ARG A 20 -2.57 -2.74 -0.71
C ARG A 20 -1.15 -2.53 -1.20
N ALA A 21 -0.22 -3.32 -0.68
CA ALA A 21 1.17 -3.21 -1.11
C ALA A 21 1.26 -3.38 -2.61
N ILE A 22 0.41 -4.26 -3.14
CA ILE A 22 0.38 -4.50 -4.57
C ILE A 22 -0.32 -3.33 -5.27
N ASN A 23 -1.11 -2.59 -4.50
CA ASN A 23 -1.83 -1.44 -5.03
C ASN A 23 -0.90 -0.25 -5.18
N ILE A 24 -0.27 0.15 -4.09
CA ILE A 24 0.66 1.25 -4.12
C ILE A 24 1.80 0.90 -5.07
N ALA A 25 1.94 -0.41 -5.31
CA ALA A 25 2.95 -0.90 -6.22
C ALA A 25 2.44 -0.81 -7.65
N SER A 26 1.11 -0.86 -7.80
CA SER A 26 0.50 -0.77 -9.12
C SER A 26 0.22 0.68 -9.48
N THR A 27 0.07 1.52 -8.46
CA THR A 27 -0.19 2.94 -8.65
C THR A 27 1.11 3.70 -8.82
N ALA A 28 2.18 3.16 -8.22
CA ALA A 28 3.49 3.78 -8.30
C ALA A 28 4.12 3.52 -9.66
N ASN A 29 3.66 2.47 -10.33
CA ASN A 29 4.18 2.12 -11.65
C ASN A 29 3.98 3.28 -12.63
N ASP A 30 2.73 3.49 -13.03
CA ASP A 30 2.40 4.57 -13.96
C ASP A 30 3.17 5.83 -13.60
N VAL A 31 3.34 6.06 -12.30
CA VAL A 31 4.06 7.23 -11.82
C VAL A 31 5.54 7.14 -12.15
N PHE A 32 6.15 6.02 -11.80
CA PHE A 32 7.57 5.80 -12.05
C PHE A 32 7.92 6.16 -13.48
N ASN A 33 6.93 6.09 -14.37
CA ASN A 33 7.13 6.42 -15.78
C ASN A 33 6.87 7.90 -16.03
N PHE A 34 5.98 8.49 -15.25
CA PHE A 34 5.63 9.89 -15.40
C PHE A 34 6.81 10.79 -15.08
N LEU A 35 7.57 10.42 -14.05
CA LEU A 35 8.73 11.19 -13.65
C LEU A 35 10.03 10.44 -13.93
N LYS A 36 10.12 9.88 -15.14
CA LYS A 36 11.30 9.13 -15.55
C LYS A 36 12.56 9.92 -15.24
N PRO A 37 12.57 11.19 -15.61
CA PRO A 37 13.71 12.08 -15.38
C PRO A 37 13.72 12.67 -13.98
N LYS A 38 13.16 13.86 -13.82
CA LYS A 38 13.11 14.52 -12.52
C LYS A 38 12.33 15.82 -12.60
N LYS A 39 11.18 15.78 -13.28
CA LYS A 39 10.33 16.95 -13.43
C LYS A 39 11.08 18.09 -14.12
N ARG A 40 12.13 17.74 -14.85
CA ARG A 40 12.94 18.73 -15.57
C ARG A 40 13.65 19.65 -14.59
N LYS A 41 13.61 19.29 -13.31
CA LYS A 41 14.27 20.10 -12.28
C LYS A 41 15.77 20.20 -12.54
N ALA A 42 16.46 20.97 -11.69
CA ALA A 42 17.90 21.14 -11.83
C ALA A 42 18.58 21.20 -10.47
N ALA A 1 -8.85 -20.72 22.81
CA ALA A 1 -8.70 -20.23 21.42
C ALA A 1 -10.06 -19.86 20.83
N LYS A 2 -10.70 -18.85 21.41
CA LYS A 2 -12.00 -18.41 20.94
C LYS A 2 -11.92 -17.89 19.50
N ILE A 3 -13.01 -17.33 19.01
CA ILE A 3 -13.05 -16.79 17.65
C ILE A 3 -12.49 -15.39 17.58
N PRO A 4 -12.80 -14.53 18.58
CA PRO A 4 -12.32 -13.15 18.61
C PRO A 4 -10.86 -13.01 18.18
N ILE A 5 -9.97 -13.60 18.97
CA ILE A 5 -8.54 -13.54 18.68
C ILE A 5 -8.28 -13.51 17.17
N LYS A 6 -8.58 -14.61 16.50
CA LYS A 6 -8.37 -14.71 15.06
C LYS A 6 -9.11 -13.61 14.32
N ALA A 7 -10.23 -13.17 14.91
CA ALA A 7 -11.04 -12.11 14.30
C ALA A 7 -10.34 -10.76 14.40
N ILE A 8 -9.62 -10.55 15.49
CA ILE A 8 -8.91 -9.30 15.70
C ILE A 8 -7.63 -9.26 14.87
N LYS A 9 -7.08 -10.44 14.60
CA LYS A 9 -5.86 -10.55 13.81
C LYS A 9 -6.16 -10.30 12.34
N THR A 10 -7.39 -10.64 11.92
CA THR A 10 -7.81 -10.44 10.54
C THR A 10 -8.04 -8.96 10.27
N VAL A 11 -8.70 -8.29 11.21
CA VAL A 11 -8.98 -6.87 11.08
C VAL A 11 -7.71 -6.07 11.22
N GLY A 12 -6.88 -6.44 12.19
CA GLY A 12 -5.62 -5.76 12.41
C GLY A 12 -4.68 -5.96 11.24
N LYS A 13 -4.79 -7.13 10.60
CA LYS A 13 -3.96 -7.45 9.45
C LYS A 13 -4.53 -6.82 8.20
N ALA A 14 -5.83 -6.55 8.21
CA ALA A 14 -6.50 -5.94 7.07
C ALA A 14 -6.07 -4.49 6.92
N VAL A 15 -6.18 -3.75 8.02
CA VAL A 15 -5.80 -2.34 8.02
C VAL A 15 -4.30 -2.20 7.77
N GLY A 16 -3.53 -3.13 8.31
CA GLY A 16 -2.09 -3.12 8.12
C GLY A 16 -1.71 -3.33 6.67
N LYS A 17 -2.47 -4.17 5.98
CA LYS A 17 -2.21 -4.46 4.57
C LYS A 17 -2.71 -3.32 3.69
N GLY A 18 -3.94 -2.87 3.96
CA GLY A 18 -4.52 -1.80 3.19
C GLY A 18 -3.69 -0.53 3.28
N LEU A 19 -3.19 -0.23 4.47
CA LEU A 19 -2.37 0.94 4.69
C LEU A 19 -1.05 0.82 3.95
N ARG A 20 -0.42 -0.34 4.09
CA ARG A 20 0.85 -0.61 3.43
C ARG A 20 0.72 -0.42 1.92
N ALA A 21 -0.35 -0.95 1.36
CA ALA A 21 -0.60 -0.85 -0.07
C ALA A 21 -0.73 0.60 -0.51
N ILE A 22 -1.28 1.44 0.37
CA ILE A 22 -1.45 2.85 0.06
C ILE A 22 -0.10 3.54 0.10
N ASN A 23 0.86 2.92 0.77
CA ASN A 23 2.20 3.46 0.87
C ASN A 23 2.97 3.16 -0.40
N ILE A 24 3.17 1.88 -0.65
CA ILE A 24 3.87 1.46 -1.85
C ILE A 24 3.12 2.01 -3.05
N ALA A 25 1.85 2.33 -2.84
CA ALA A 25 1.02 2.89 -3.88
C ALA A 25 1.26 4.40 -3.96
N SER A 26 1.66 4.98 -2.84
CA SER A 26 1.93 6.41 -2.79
C SER A 26 3.34 6.70 -3.30
N THR A 27 4.29 5.89 -2.86
CA THR A 27 5.67 6.04 -3.29
C THR A 27 5.83 5.58 -4.72
N ALA A 28 4.96 4.67 -5.13
CA ALA A 28 4.98 4.14 -6.49
C ALA A 28 4.56 5.21 -7.48
N ASN A 29 3.74 6.15 -7.03
CA ASN A 29 3.28 7.24 -7.89
C ASN A 29 4.47 7.97 -8.51
N ASP A 30 5.21 8.69 -7.69
CA ASP A 30 6.36 9.43 -8.15
C ASP A 30 7.24 8.56 -9.05
N VAL A 31 7.46 7.32 -8.61
CA VAL A 31 8.26 6.38 -9.37
C VAL A 31 7.65 6.14 -10.74
N PHE A 32 6.33 6.09 -10.78
CA PHE A 32 5.60 5.88 -12.03
C PHE A 32 5.80 7.05 -12.98
N ASN A 33 6.15 8.21 -12.43
CA ASN A 33 6.37 9.40 -13.23
C ASN A 33 7.83 9.51 -13.66
N PHE A 34 8.71 8.85 -12.91
CA PHE A 34 10.13 8.88 -13.22
C PHE A 34 10.46 7.95 -14.39
N LEU A 35 9.66 6.90 -14.56
CA LEU A 35 9.88 5.96 -15.64
C LEU A 35 9.13 6.39 -16.90
N LYS A 36 8.37 7.48 -16.80
CA LYS A 36 7.61 7.99 -17.93
C LYS A 36 7.92 9.46 -18.18
N PRO A 37 9.18 9.77 -18.49
CA PRO A 37 9.64 11.13 -18.75
C PRO A 37 9.47 11.52 -20.22
N LYS A 38 8.34 11.11 -20.80
CA LYS A 38 8.05 11.40 -22.21
C LYS A 38 8.19 12.89 -22.52
N LYS A 39 8.12 13.72 -21.48
CA LYS A 39 8.23 15.16 -21.67
C LYS A 39 9.13 15.80 -20.61
N ARG A 40 9.74 14.97 -19.77
CA ARG A 40 10.62 15.47 -18.72
C ARG A 40 9.94 16.59 -17.95
N LYS A 41 10.71 17.23 -17.06
CA LYS A 41 10.18 18.32 -16.26
C LYS A 41 9.32 19.26 -17.10
N ALA A 42 9.88 19.72 -18.21
CA ALA A 42 9.16 20.63 -19.10
C ALA A 42 8.54 21.78 -18.33
N ALA A 1 -18.03 -8.19 24.57
CA ALA A 1 -16.83 -9.07 24.53
C ALA A 1 -17.22 -10.53 24.75
N LYS A 2 -17.25 -11.30 23.67
CA LYS A 2 -17.60 -12.72 23.76
C LYS A 2 -16.89 -13.52 22.68
N ILE A 3 -16.83 -12.98 21.47
CA ILE A 3 -16.17 -13.65 20.35
C ILE A 3 -15.76 -12.66 19.28
N PRO A 4 -15.06 -11.58 19.67
CA PRO A 4 -14.60 -10.54 18.75
C PRO A 4 -13.33 -10.95 18.00
N ILE A 5 -12.83 -12.14 18.30
CA ILE A 5 -11.63 -12.64 17.65
C ILE A 5 -11.74 -12.54 16.13
N LYS A 6 -12.66 -13.32 15.56
CA LYS A 6 -12.88 -13.31 14.12
C LYS A 6 -12.82 -11.89 13.57
N ALA A 7 -13.22 -10.93 14.39
CA ALA A 7 -13.21 -9.53 13.99
C ALA A 7 -11.79 -9.04 13.78
N ILE A 8 -10.90 -9.41 14.69
CA ILE A 8 -9.50 -9.02 14.60
C ILE A 8 -8.83 -9.71 13.42
N LYS A 9 -9.42 -10.81 12.97
CA LYS A 9 -8.89 -11.55 11.83
C LYS A 9 -9.13 -10.79 10.54
N THR A 10 -10.34 -10.27 10.37
CA THR A 10 -10.69 -9.51 9.19
C THR A 10 -9.90 -8.21 9.15
N VAL A 11 -9.84 -7.54 10.29
CA VAL A 11 -9.09 -6.29 10.41
C VAL A 11 -7.61 -6.56 10.23
N GLY A 12 -7.15 -7.65 10.83
CA GLY A 12 -5.75 -8.02 10.72
C GLY A 12 -5.34 -8.24 9.29
N LYS A 13 -6.21 -8.89 8.52
CA LYS A 13 -5.93 -9.16 7.11
C LYS A 13 -5.71 -7.84 6.37
N ALA A 14 -6.52 -6.84 6.67
CA ALA A 14 -6.42 -5.54 6.05
C ALA A 14 -5.13 -4.85 6.49
N VAL A 15 -4.68 -5.18 7.70
CA VAL A 15 -3.47 -4.61 8.25
C VAL A 15 -2.25 -5.12 7.47
N GLY A 16 -2.29 -6.40 7.10
CA GLY A 16 -1.21 -6.99 6.35
C GLY A 16 -1.04 -6.35 4.99
N LYS A 17 -2.16 -6.15 4.30
CA LYS A 17 -2.14 -5.53 2.98
C LYS A 17 -1.73 -4.07 3.09
N GLY A 18 -1.95 -3.49 4.28
CA GLY A 18 -1.59 -2.11 4.51
C GLY A 18 -0.11 -1.87 4.41
N LEU A 19 0.66 -2.66 5.17
CA LEU A 19 2.12 -2.54 5.15
C LEU A 19 2.66 -2.82 3.76
N ARG A 20 2.05 -3.79 3.08
CA ARG A 20 2.47 -4.14 1.73
C ARG A 20 2.02 -3.06 0.75
N ALA A 21 0.99 -2.33 1.14
CA ALA A 21 0.48 -1.26 0.31
C ALA A 21 1.50 -0.15 0.23
N ILE A 22 2.22 0.07 1.33
CA ILE A 22 3.25 1.08 1.36
C ILE A 22 4.42 0.61 0.51
N ASN A 23 4.62 -0.69 0.51
CA ASN A 23 5.68 -1.31 -0.27
C ASN A 23 5.44 -1.10 -1.76
N ILE A 24 4.33 -1.62 -2.24
CA ILE A 24 3.97 -1.45 -3.62
C ILE A 24 4.03 0.02 -3.95
N ALA A 25 3.89 0.84 -2.92
CA ALA A 25 3.95 2.26 -3.06
C ALA A 25 5.39 2.71 -3.18
N SER A 26 6.29 1.97 -2.52
CA SER A 26 7.70 2.27 -2.57
C SER A 26 8.26 1.95 -3.95
N THR A 27 7.75 0.88 -4.55
CA THR A 27 8.17 0.48 -5.88
C THR A 27 7.69 1.48 -6.91
N ALA A 28 6.44 1.91 -6.75
CA ALA A 28 5.86 2.89 -7.66
C ALA A 28 6.73 4.14 -7.71
N ASN A 29 7.47 4.38 -6.63
CA ASN A 29 8.36 5.53 -6.56
C ASN A 29 9.50 5.36 -7.54
N ASP A 30 10.21 4.25 -7.44
CA ASP A 30 11.32 3.96 -8.32
C ASP A 30 10.84 4.03 -9.77
N VAL A 31 9.60 3.58 -9.99
CA VAL A 31 9.00 3.60 -11.31
C VAL A 31 9.05 5.00 -11.89
N PHE A 32 8.71 5.98 -11.05
CA PHE A 32 8.72 7.38 -11.46
C PHE A 32 10.12 7.77 -11.93
N ASN A 33 11.12 7.25 -11.23
CA ASN A 33 12.51 7.54 -11.55
C ASN A 33 12.90 6.83 -12.85
N PHE A 34 12.12 5.83 -13.23
CA PHE A 34 12.39 5.08 -14.45
C PHE A 34 11.80 5.80 -15.66
N LEU A 35 10.79 6.62 -15.42
CA LEU A 35 10.15 7.38 -16.49
C LEU A 35 10.57 8.84 -16.45
N LYS A 36 10.44 9.45 -15.28
CA LYS A 36 10.81 10.85 -15.07
C LYS A 36 10.63 11.66 -16.35
N PRO A 37 9.45 12.28 -16.51
CA PRO A 37 9.15 13.10 -17.70
C PRO A 37 10.12 14.26 -17.85
N LYS A 38 9.72 15.26 -18.61
CA LYS A 38 10.56 16.44 -18.85
C LYS A 38 10.37 17.48 -17.76
N LYS A 39 10.29 17.02 -16.51
CA LYS A 39 10.12 17.91 -15.37
C LYS A 39 9.10 18.99 -15.67
N ARG A 40 7.90 18.59 -16.06
CA ARG A 40 6.84 19.54 -16.38
C ARG A 40 5.46 18.88 -16.23
N LYS A 41 5.41 17.81 -15.45
CA LYS A 41 4.17 17.09 -15.21
C LYS A 41 3.89 16.95 -13.72
N ALA A 42 3.76 18.09 -13.04
CA ALA A 42 3.50 18.10 -11.61
C ALA A 42 3.13 19.49 -11.12
N ALA A 1 -14.96 -13.88 22.74
CA ALA A 1 -14.34 -14.09 21.40
C ALA A 1 -12.90 -14.58 21.54
N LYS A 2 -12.74 -15.74 22.18
CA LYS A 2 -11.41 -16.32 22.37
C LYS A 2 -11.16 -17.47 21.39
N ILE A 3 -12.19 -17.84 20.64
CA ILE A 3 -12.08 -18.92 19.67
C ILE A 3 -11.52 -18.41 18.34
N PRO A 4 -12.03 -17.25 17.87
CA PRO A 4 -11.60 -16.66 16.62
C PRO A 4 -10.34 -15.81 16.79
N ILE A 5 -9.60 -16.05 17.86
CA ILE A 5 -8.38 -15.30 18.14
C ILE A 5 -7.55 -15.14 16.88
N LYS A 6 -6.73 -16.14 16.58
CA LYS A 6 -5.88 -16.11 15.40
C LYS A 6 -6.58 -15.42 14.24
N ALA A 7 -7.90 -15.55 14.19
CA ALA A 7 -8.69 -14.93 13.14
C ALA A 7 -8.61 -13.41 13.20
N ILE A 8 -8.87 -12.87 14.38
CA ILE A 8 -8.82 -11.43 14.58
C ILE A 8 -7.43 -10.88 14.29
N LYS A 9 -6.43 -11.75 14.36
CA LYS A 9 -5.05 -11.35 14.10
C LYS A 9 -4.82 -11.18 12.60
N THR A 10 -5.29 -12.15 11.83
CA THR A 10 -5.14 -12.11 10.38
C THR A 10 -5.92 -10.95 9.78
N VAL A 11 -6.95 -10.51 10.49
CA VAL A 11 -7.77 -9.39 10.04
C VAL A 11 -7.03 -8.08 10.21
N GLY A 12 -6.45 -7.89 11.39
CA GLY A 12 -5.70 -6.68 11.66
C GLY A 12 -4.54 -6.51 10.71
N LYS A 13 -3.94 -7.62 10.32
CA LYS A 13 -2.81 -7.60 9.39
C LYS A 13 -3.30 -7.44 7.97
N ALA A 14 -4.53 -7.89 7.71
CA ALA A 14 -5.12 -7.79 6.38
C ALA A 14 -5.37 -6.33 6.01
N VAL A 15 -6.05 -5.62 6.91
CA VAL A 15 -6.34 -4.22 6.70
C VAL A 15 -5.05 -3.41 6.62
N GLY A 16 -4.08 -3.80 7.43
CA GLY A 16 -2.80 -3.11 7.45
C GLY A 16 -2.08 -3.23 6.12
N LYS A 17 -2.29 -4.34 5.43
CA LYS A 17 -1.66 -4.58 4.14
C LYS A 17 -2.21 -3.63 3.08
N GLY A 18 -3.54 -3.52 3.02
CA GLY A 18 -4.16 -2.64 2.06
C GLY A 18 -3.64 -1.23 2.16
N LEU A 19 -3.54 -0.71 3.38
CA LEU A 19 -3.05 0.64 3.61
C LEU A 19 -1.59 0.76 3.18
N ARG A 20 -0.78 -0.21 3.59
CA ARG A 20 0.63 -0.23 3.23
C ARG A 20 0.82 -0.21 1.73
N ALA A 21 -0.09 -0.87 1.02
CA ALA A 21 -0.01 -0.92 -0.44
C ALA A 21 -0.20 0.47 -1.04
N ILE A 22 -1.12 1.23 -0.48
CA ILE A 22 -1.37 2.58 -0.95
C ILE A 22 -0.16 3.44 -0.66
N ASN A 23 0.66 2.99 0.28
CA ASN A 23 1.86 3.70 0.67
C ASN A 23 2.86 3.72 -0.46
N ILE A 24 3.32 2.54 -0.84
CA ILE A 24 4.27 2.41 -1.92
C ILE A 24 3.72 3.12 -3.14
N ALA A 25 2.39 3.18 -3.19
CA ALA A 25 1.72 3.85 -4.27
C ALA A 25 1.76 5.35 -4.06
N SER A 26 1.85 5.75 -2.80
CA SER A 26 1.93 7.16 -2.45
C SER A 26 3.27 7.75 -2.88
N THR A 27 4.34 7.00 -2.59
CA THR A 27 5.68 7.44 -2.96
C THR A 27 5.79 7.62 -4.46
N ALA A 28 5.23 6.67 -5.20
CA ALA A 28 5.25 6.72 -6.66
C ALA A 28 4.63 8.01 -7.16
N ASN A 29 3.80 8.63 -6.31
CA ASN A 29 3.13 9.88 -6.66
C ASN A 29 4.14 11.03 -6.67
N ASP A 30 4.77 11.27 -5.53
CA ASP A 30 5.76 12.33 -5.41
C ASP A 30 6.86 12.14 -6.45
N VAL A 31 7.24 10.89 -6.67
CA VAL A 31 8.27 10.55 -7.64
C VAL A 31 7.77 10.82 -9.05
N PHE A 32 6.58 10.32 -9.35
CA PHE A 32 5.97 10.49 -10.65
C PHE A 32 5.81 11.98 -10.98
N ASN A 33 5.54 12.78 -9.95
CA ASN A 33 5.36 14.21 -10.13
C ASN A 33 6.70 14.89 -10.42
N PHE A 34 7.78 14.29 -9.93
CA PHE A 34 9.12 14.84 -10.12
C PHE A 34 9.59 14.62 -11.56
N LEU A 35 9.12 13.54 -12.18
CA LEU A 35 9.51 13.23 -13.55
C LEU A 35 8.30 12.75 -14.36
N LYS A 36 7.53 13.71 -14.86
CA LYS A 36 6.35 13.41 -15.64
C LYS A 36 6.46 14.01 -17.04
N PRO A 37 7.52 13.65 -17.78
CA PRO A 37 7.75 14.15 -19.13
C PRO A 37 6.86 13.48 -20.17
N LYS A 38 6.83 14.05 -21.37
CA LYS A 38 6.02 13.51 -22.45
C LYS A 38 6.71 12.31 -23.12
N LYS A 39 7.99 12.11 -22.77
CA LYS A 39 8.76 11.01 -23.33
C LYS A 39 8.80 9.82 -22.38
N ARG A 40 8.12 9.96 -21.23
CA ARG A 40 8.08 8.90 -20.24
C ARG A 40 9.45 8.69 -19.62
N LYS A 41 9.49 8.02 -18.46
CA LYS A 41 10.74 7.75 -17.77
C LYS A 41 11.35 9.04 -17.24
N ALA A 42 12.54 8.94 -16.66
CA ALA A 42 13.22 10.10 -16.11
C ALA A 42 13.32 11.23 -17.14
N ALA A 1 15.67 20.62 -20.97
CA ALA A 1 16.06 19.24 -21.34
C ALA A 1 14.83 18.41 -21.70
N LYS A 2 15.06 17.15 -22.04
CA LYS A 2 13.97 16.24 -22.40
C LYS A 2 13.97 15.01 -21.51
N ILE A 3 14.88 15.00 -20.53
CA ILE A 3 14.98 13.86 -19.61
C ILE A 3 14.06 14.05 -18.41
N PRO A 4 14.04 15.26 -17.83
CA PRO A 4 13.19 15.57 -16.67
C PRO A 4 11.74 15.15 -16.88
N ILE A 5 11.31 15.09 -18.14
CA ILE A 5 9.95 14.72 -18.45
C ILE A 5 9.61 13.33 -17.88
N LYS A 6 10.48 12.37 -18.15
CA LYS A 6 10.28 11.02 -17.66
C LYS A 6 10.21 11.00 -16.14
N ALA A 7 10.92 11.94 -15.52
CA ALA A 7 10.96 12.04 -14.06
C ALA A 7 9.58 12.38 -13.51
N ILE A 8 8.91 13.34 -14.14
CA ILE A 8 7.59 13.75 -13.70
C ILE A 8 6.60 12.59 -13.77
N LYS A 9 6.70 11.79 -14.82
CA LYS A 9 5.82 10.66 -15.02
C LYS A 9 6.03 9.62 -13.91
N THR A 10 7.29 9.42 -13.53
CA THR A 10 7.63 8.47 -12.48
C THR A 10 6.96 8.87 -11.17
N VAL A 11 6.99 10.16 -10.87
CA VAL A 11 6.39 10.67 -9.65
C VAL A 11 4.91 10.31 -9.58
N GLY A 12 4.20 10.56 -10.66
CA GLY A 12 2.78 10.23 -10.70
C GLY A 12 2.55 8.77 -10.37
N LYS A 13 3.45 7.92 -10.85
CA LYS A 13 3.36 6.49 -10.59
C LYS A 13 3.70 6.19 -9.13
N ALA A 14 4.60 6.98 -8.57
CA ALA A 14 5.00 6.81 -7.18
C ALA A 14 3.76 6.80 -6.28
N VAL A 15 2.98 7.88 -6.38
CA VAL A 15 1.76 7.99 -5.59
C VAL A 15 0.83 6.82 -5.90
N GLY A 16 0.82 6.40 -7.17
CA GLY A 16 0.00 5.30 -7.58
C GLY A 16 0.34 4.02 -6.84
N LYS A 17 1.63 3.77 -6.66
CA LYS A 17 2.09 2.58 -5.96
C LYS A 17 1.87 2.74 -4.46
N GLY A 18 1.85 3.99 -3.99
CA GLY A 18 1.64 4.26 -2.58
C GLY A 18 0.32 3.72 -2.09
N LEU A 19 -0.76 4.07 -2.78
CA LEU A 19 -2.09 3.61 -2.41
C LEU A 19 -2.18 2.09 -2.56
N ARG A 20 -1.76 1.59 -3.72
CA ARG A 20 -1.77 0.17 -3.96
C ARG A 20 -1.13 -0.54 -2.78
N ALA A 21 0.02 -0.02 -2.36
CA ALA A 21 0.73 -0.59 -1.23
C ALA A 21 -0.17 -0.64 -0.01
N ILE A 22 -1.05 0.36 0.09
CA ILE A 22 -2.00 0.41 1.18
C ILE A 22 -3.06 -0.67 1.00
N ASN A 23 -3.08 -1.27 -0.20
CA ASN A 23 -4.04 -2.32 -0.50
C ASN A 23 -3.59 -3.65 0.11
N ILE A 24 -2.43 -4.10 -0.31
CA ILE A 24 -1.88 -5.35 0.20
C ILE A 24 -1.69 -5.22 1.69
N ALA A 25 -1.56 -3.98 2.15
CA ALA A 25 -1.39 -3.70 3.55
C ALA A 25 -2.75 -3.58 4.21
N SER A 26 -3.77 -3.24 3.42
CA SER A 26 -5.13 -3.11 3.94
C SER A 26 -5.73 -4.49 4.15
N THR A 27 -5.41 -5.40 3.24
CA THR A 27 -5.90 -6.77 3.33
C THR A 27 -5.18 -7.51 4.46
N ALA A 28 -3.90 -7.20 4.62
CA ALA A 28 -3.09 -7.82 5.66
C ALA A 28 -3.66 -7.53 7.04
N ASN A 29 -4.23 -6.33 7.21
CA ASN A 29 -4.81 -5.94 8.48
C ASN A 29 -6.03 -6.80 8.78
N ASP A 30 -6.91 -6.93 7.78
CA ASP A 30 -8.11 -7.75 7.93
C ASP A 30 -7.73 -9.20 8.12
N VAL A 31 -6.67 -9.62 7.44
CA VAL A 31 -6.18 -10.99 7.55
C VAL A 31 -5.86 -11.33 9.00
N PHE A 32 -5.23 -10.38 9.68
CA PHE A 32 -4.88 -10.57 11.08
C PHE A 32 -6.13 -10.74 11.93
N ASN A 33 -7.14 -9.92 11.64
CA ASN A 33 -8.40 -10.01 12.36
C ASN A 33 -8.92 -11.44 12.33
N PHE A 34 -8.63 -12.14 11.24
CA PHE A 34 -9.06 -13.52 11.09
C PHE A 34 -8.22 -14.44 11.97
N LEU A 35 -6.95 -14.07 12.14
CA LEU A 35 -6.04 -14.85 12.97
C LEU A 35 -6.07 -14.38 14.42
N LYS A 36 -6.49 -13.13 14.62
CA LYS A 36 -6.59 -12.54 15.94
C LYS A 36 -5.40 -12.94 16.82
N PRO A 37 -4.43 -12.05 16.97
CA PRO A 37 -3.23 -12.30 17.78
C PRO A 37 -3.61 -12.69 19.21
N LYS A 38 -4.10 -11.72 19.97
CA LYS A 38 -4.50 -11.94 21.35
C LYS A 38 -5.90 -12.56 21.39
N LYS A 39 -6.47 -12.64 22.59
CA LYS A 39 -7.80 -13.20 22.76
C LYS A 39 -8.87 -12.15 22.48
N ARG A 40 -8.72 -11.42 21.38
CA ARG A 40 -9.67 -10.39 21.00
C ARG A 40 -10.99 -11.01 20.55
N LYS A 41 -12.07 -10.66 21.24
CA LYS A 41 -13.39 -11.19 20.92
C LYS A 41 -14.10 -10.31 19.91
N ALA A 42 -14.20 -10.79 18.67
CA ALA A 42 -14.86 -10.04 17.61
C ALA A 42 -16.34 -10.41 17.51
N ALA A 1 13.49 21.54 -14.16
CA ALA A 1 13.32 20.41 -15.10
C ALA A 1 12.83 20.90 -16.46
N LYS A 2 13.70 20.81 -17.46
CA LYS A 2 13.36 21.25 -18.81
C LYS A 2 11.99 20.71 -19.23
N ILE A 3 11.99 19.53 -19.85
CA ILE A 3 10.75 18.92 -20.29
C ILE A 3 10.73 17.41 -20.01
N PRO A 4 11.25 16.98 -18.85
CA PRO A 4 11.28 15.57 -18.47
C PRO A 4 9.99 15.11 -17.80
N ILE A 5 8.90 15.81 -18.09
CA ILE A 5 7.60 15.49 -17.52
C ILE A 5 7.37 13.98 -17.48
N LYS A 6 7.70 13.31 -18.57
CA LYS A 6 7.52 11.86 -18.66
C LYS A 6 8.46 11.14 -17.70
N ALA A 7 9.60 11.75 -17.42
CA ALA A 7 10.58 11.17 -16.51
C ALA A 7 10.12 11.29 -15.06
N ILE A 8 9.64 12.47 -14.70
CA ILE A 8 9.16 12.71 -13.36
C ILE A 8 7.91 11.89 -13.06
N LYS A 9 7.24 11.45 -14.11
CA LYS A 9 6.03 10.64 -13.96
C LYS A 9 6.39 9.19 -13.62
N THR A 10 7.33 8.63 -14.37
CA THR A 10 7.76 7.27 -14.13
C THR A 10 8.48 7.17 -12.79
N VAL A 11 9.19 8.23 -12.43
CA VAL A 11 9.92 8.28 -11.17
C VAL A 11 8.95 8.41 -10.00
N GLY A 12 7.99 9.31 -10.14
CA GLY A 12 7.00 9.49 -9.10
C GLY A 12 6.16 8.25 -8.91
N LYS A 13 6.11 7.42 -9.95
CA LYS A 13 5.35 6.18 -9.91
C LYS A 13 6.16 5.10 -9.21
N ALA A 14 7.48 5.16 -9.36
CA ALA A 14 8.36 4.18 -8.74
C ALA A 14 8.30 4.29 -7.22
N VAL A 15 8.53 5.50 -6.72
CA VAL A 15 8.49 5.74 -5.28
C VAL A 15 7.09 5.47 -4.73
N GLY A 16 6.08 5.80 -5.54
CA GLY A 16 4.70 5.60 -5.14
C GLY A 16 4.38 4.12 -5.00
N LYS A 17 5.01 3.30 -5.82
CA LYS A 17 4.79 1.86 -5.78
C LYS A 17 5.40 1.26 -4.51
N GLY A 18 6.59 1.71 -4.18
CA GLY A 18 7.25 1.23 -2.98
C GLY A 18 6.40 1.44 -1.74
N LEU A 19 5.95 2.67 -1.55
CA LEU A 19 5.12 3.01 -0.41
C LEU A 19 3.88 2.11 -0.39
N ARG A 20 3.23 2.01 -1.54
CA ARG A 20 2.03 1.18 -1.66
C ARG A 20 2.32 -0.24 -1.21
N ALA A 21 3.45 -0.77 -1.67
CA ALA A 21 3.84 -2.13 -1.31
C ALA A 21 3.90 -2.27 0.21
N ILE A 22 4.17 -1.16 0.87
CA ILE A 22 4.21 -1.15 2.33
C ILE A 22 2.79 -1.16 2.87
N ASN A 23 1.86 -0.72 2.02
CA ASN A 23 0.45 -0.67 2.38
C ASN A 23 -0.15 -2.06 2.36
N ILE A 24 -0.16 -2.67 1.17
CA ILE A 24 -0.69 -4.01 1.03
C ILE A 24 0.10 -4.93 1.96
N ALA A 25 1.32 -4.52 2.25
CA ALA A 25 2.18 -5.26 3.15
C ALA A 25 1.78 -4.98 4.58
N SER A 26 1.23 -3.79 4.81
CA SER A 26 0.78 -3.41 6.14
C SER A 26 -0.63 -3.92 6.39
N THR A 27 -1.31 -4.31 5.30
CA THR A 27 -2.67 -4.83 5.41
C THR A 27 -2.64 -6.29 5.84
N ALA A 28 -1.69 -7.05 5.30
CA ALA A 28 -1.56 -8.46 5.64
C ALA A 28 -1.41 -8.63 7.15
N ASN A 29 -0.71 -7.69 7.78
CA ASN A 29 -0.50 -7.73 9.22
C ASN A 29 -1.76 -7.25 9.95
N ASP A 30 -2.25 -6.08 9.55
CA ASP A 30 -3.45 -5.51 10.15
C ASP A 30 -4.62 -6.48 9.98
N VAL A 31 -4.53 -7.32 8.95
CA VAL A 31 -5.56 -8.30 8.67
C VAL A 31 -5.45 -9.49 9.62
N PHE A 32 -4.29 -10.14 9.59
CA PHE A 32 -4.03 -11.30 10.44
C PHE A 32 -4.47 -11.02 11.88
N ASN A 33 -4.51 -9.74 12.24
CA ASN A 33 -4.91 -9.34 13.59
C ASN A 33 -6.42 -9.08 13.67
N PHE A 34 -6.98 -8.58 12.57
CA PHE A 34 -8.41 -8.28 12.53
C PHE A 34 -9.23 -9.54 12.72
N LEU A 35 -8.74 -10.66 12.20
CA LEU A 35 -9.44 -11.93 12.32
C LEU A 35 -8.59 -12.96 13.06
N LYS A 36 -8.35 -12.71 14.35
CA LYS A 36 -7.55 -13.62 15.17
C LYS A 36 -8.43 -14.68 15.81
N PRO A 37 -9.53 -14.28 16.44
CA PRO A 37 -10.45 -15.19 17.10
C PRO A 37 -11.50 -15.74 16.16
N LYS A 38 -12.44 -16.53 16.71
CA LYS A 38 -13.50 -17.12 15.92
C LYS A 38 -14.86 -16.95 16.60
N LYS A 39 -14.86 -17.05 17.92
CA LYS A 39 -16.09 -16.91 18.70
C LYS A 39 -16.44 -15.44 18.92
N ARG A 40 -15.61 -14.55 18.37
CA ARG A 40 -15.84 -13.11 18.51
C ARG A 40 -15.08 -12.34 17.44
N LYS A 41 -15.79 -12.01 16.35
CA LYS A 41 -15.18 -11.26 15.25
C LYS A 41 -14.94 -9.82 15.65
N ALA A 42 -13.68 -9.50 15.96
CA ALA A 42 -13.31 -8.15 16.37
C ALA A 42 -13.17 -7.24 15.15
N ALA A 1 -18.12 -16.87 22.90
CA ALA A 1 -16.87 -17.00 22.12
C ALA A 1 -16.09 -18.24 22.52
N LYS A 2 -15.08 -18.58 21.75
CA LYS A 2 -14.25 -19.75 22.02
C LYS A 2 -12.78 -19.44 21.77
N ILE A 3 -12.46 -19.08 20.52
CA ILE A 3 -11.09 -18.75 20.15
C ILE A 3 -11.07 -17.82 18.94
N PRO A 4 -11.80 -16.70 19.02
CA PRO A 4 -11.88 -15.72 17.93
C PRO A 4 -10.73 -14.71 17.97
N ILE A 5 -9.78 -14.93 18.85
CA ILE A 5 -8.63 -14.04 18.97
C ILE A 5 -7.84 -13.98 17.67
N LYS A 6 -7.10 -15.05 17.39
CA LYS A 6 -6.30 -15.12 16.17
C LYS A 6 -7.16 -14.83 14.94
N ALA A 7 -8.46 -15.07 15.06
CA ALA A 7 -9.38 -14.83 13.95
C ALA A 7 -9.65 -13.35 13.78
N ILE A 8 -9.88 -12.66 14.90
CA ILE A 8 -10.17 -11.23 14.88
C ILE A 8 -8.92 -10.45 14.47
N LYS A 9 -7.76 -11.01 14.78
CA LYS A 9 -6.49 -10.38 14.45
C LYS A 9 -6.18 -10.54 12.97
N THR A 10 -6.56 -11.70 12.42
CA THR A 10 -6.32 -11.98 11.01
C THR A 10 -7.21 -11.11 10.13
N VAL A 11 -8.44 -10.89 10.58
CA VAL A 11 -9.38 -10.06 9.85
C VAL A 11 -8.97 -8.59 9.91
N GLY A 12 -8.54 -8.16 11.10
CA GLY A 12 -8.11 -6.79 11.27
C GLY A 12 -6.88 -6.49 10.43
N LYS A 13 -6.06 -7.52 10.20
CA LYS A 13 -4.86 -7.37 9.41
C LYS A 13 -5.17 -7.44 7.92
N ALA A 14 -6.23 -8.17 7.58
CA ALA A 14 -6.64 -8.30 6.19
C ALA A 14 -7.14 -6.97 5.64
N VAL A 15 -7.97 -6.29 6.42
CA VAL A 15 -8.51 -5.01 6.00
C VAL A 15 -7.42 -3.95 5.96
N GLY A 16 -6.56 -3.95 6.95
CA GLY A 16 -5.47 -2.99 7.00
C GLY A 16 -4.42 -3.28 5.95
N LYS A 17 -4.26 -4.56 5.61
CA LYS A 17 -3.29 -4.98 4.62
C LYS A 17 -3.80 -4.73 3.20
N GLY A 18 -5.10 -4.95 3.01
CA GLY A 18 -5.70 -4.74 1.70
C GLY A 18 -5.62 -3.28 1.27
N LEU A 19 -6.03 -2.38 2.16
CA LEU A 19 -5.99 -0.96 1.86
C LEU A 19 -4.56 -0.48 1.64
N ARG A 20 -3.65 -0.99 2.47
CA ARG A 20 -2.24 -0.62 2.35
C ARG A 20 -1.66 -1.12 1.03
N ALA A 21 -2.04 -2.32 0.64
CA ALA A 21 -1.56 -2.88 -0.62
C ALA A 21 -1.87 -1.91 -1.75
N ILE A 22 -3.05 -1.30 -1.68
CA ILE A 22 -3.46 -0.33 -2.69
C ILE A 22 -2.68 0.96 -2.49
N ASN A 23 -2.15 1.15 -1.28
CA ASN A 23 -1.38 2.33 -0.96
C ASN A 23 0.02 2.24 -1.55
N ILE A 24 0.72 1.18 -1.19
CA ILE A 24 2.06 0.96 -1.71
C ILE A 24 1.98 0.86 -3.22
N ALA A 25 0.78 0.52 -3.71
CA ALA A 25 0.54 0.40 -5.12
C ALA A 25 0.15 1.74 -5.71
N SER A 26 -0.46 2.60 -4.88
CA SER A 26 -0.88 3.92 -5.34
C SER A 26 0.29 4.89 -5.26
N THR A 27 1.22 4.62 -4.35
CA THR A 27 2.38 5.47 -4.18
C THR A 27 3.42 5.15 -5.26
N ALA A 28 3.55 3.88 -5.58
CA ALA A 28 4.50 3.44 -6.60
C ALA A 28 4.16 4.06 -7.95
N ASN A 29 2.86 4.20 -8.21
CA ASN A 29 2.40 4.79 -9.47
C ASN A 29 2.46 6.30 -9.39
N ASP A 30 1.92 6.85 -8.32
CA ASP A 30 1.93 8.29 -8.12
C ASP A 30 3.38 8.79 -8.06
N VAL A 31 4.25 7.97 -7.49
CA VAL A 31 5.66 8.32 -7.38
C VAL A 31 6.27 8.48 -8.76
N PHE A 32 6.14 7.45 -9.58
CA PHE A 32 6.67 7.46 -10.94
C PHE A 32 5.98 8.52 -11.78
N ASN A 33 4.83 9.00 -11.31
CA ASN A 33 4.07 10.00 -12.03
C ASN A 33 4.51 11.42 -11.63
N PHE A 34 4.91 11.58 -10.38
CA PHE A 34 5.35 12.87 -9.87
C PHE A 34 6.65 13.31 -10.55
N LEU A 35 7.57 12.37 -10.70
CA LEU A 35 8.85 12.66 -11.34
C LEU A 35 8.66 12.98 -12.81
N LYS A 36 8.53 11.94 -13.63
CA LYS A 36 8.33 12.09 -15.06
C LYS A 36 9.17 13.22 -15.63
N PRO A 37 10.36 12.91 -16.16
CA PRO A 37 11.26 13.90 -16.75
C PRO A 37 10.72 14.42 -18.09
N LYS A 38 10.92 15.72 -18.33
CA LYS A 38 10.44 16.33 -19.57
C LYS A 38 11.51 16.28 -20.67
N LYS A 39 12.72 16.67 -20.32
CA LYS A 39 13.83 16.68 -21.27
C LYS A 39 14.67 15.41 -21.15
N ARG A 40 14.21 14.48 -20.32
CA ARG A 40 14.94 13.23 -20.10
C ARG A 40 16.45 13.44 -20.16
N LYS A 41 16.96 14.18 -19.19
CA LYS A 41 18.39 14.47 -19.12
C LYS A 41 19.21 13.26 -19.57
N ALA A 42 20.29 13.52 -20.30
CA ALA A 42 21.16 12.47 -20.79
C ALA A 42 21.58 11.53 -19.66
N ALA A 1 12.54 8.23 -29.54
CA ALA A 1 11.80 9.24 -28.73
C ALA A 1 12.33 9.27 -27.30
N LYS A 2 13.05 10.34 -26.96
CA LYS A 2 13.61 10.50 -25.63
C LYS A 2 12.72 11.39 -24.76
N ILE A 3 13.25 11.83 -23.62
CA ILE A 3 12.50 12.68 -22.71
C ILE A 3 11.39 11.91 -21.99
N PRO A 4 11.71 10.69 -21.49
CA PRO A 4 10.74 9.85 -20.78
C PRO A 4 10.63 10.21 -19.30
N ILE A 5 11.46 11.15 -18.87
CA ILE A 5 11.46 11.59 -17.47
C ILE A 5 10.04 11.79 -16.94
N LYS A 6 9.15 12.29 -17.80
CA LYS A 6 7.77 12.52 -17.41
C LYS A 6 7.04 11.21 -17.16
N ALA A 7 7.53 10.14 -17.79
CA ALA A 7 6.93 8.82 -17.64
C ALA A 7 7.30 8.20 -16.30
N ILE A 8 8.55 8.38 -15.90
CA ILE A 8 9.03 7.85 -14.63
C ILE A 8 8.34 8.53 -13.46
N LYS A 9 8.09 9.83 -13.60
CA LYS A 9 7.43 10.60 -12.55
C LYS A 9 5.99 10.12 -12.36
N THR A 10 5.31 9.86 -13.47
CA THR A 10 3.93 9.40 -13.43
C THR A 10 3.84 8.07 -12.69
N VAL A 11 4.81 7.20 -12.93
CA VAL A 11 4.84 5.90 -12.28
C VAL A 11 5.08 6.04 -10.79
N GLY A 12 5.92 7.02 -10.42
CA GLY A 12 6.20 7.26 -9.03
C GLY A 12 4.96 7.65 -8.26
N LYS A 13 4.02 8.27 -8.97
CA LYS A 13 2.76 8.70 -8.36
C LYS A 13 1.80 7.53 -8.28
N ALA A 14 1.81 6.67 -9.29
CA ALA A 14 0.93 5.51 -9.31
C ALA A 14 1.41 4.48 -8.30
N VAL A 15 2.67 4.11 -8.40
CA VAL A 15 3.26 3.15 -7.49
C VAL A 15 3.36 3.76 -6.09
N GLY A 16 3.40 5.09 -6.05
CA GLY A 16 3.48 5.78 -4.79
C GLY A 16 2.19 5.68 -4.01
N LYS A 17 1.07 5.62 -4.73
CA LYS A 17 -0.23 5.51 -4.07
C LYS A 17 -0.42 4.10 -3.53
N GLY A 18 -0.22 3.12 -4.39
CA GLY A 18 -0.36 1.73 -3.98
C GLY A 18 0.66 1.38 -2.92
N LEU A 19 1.83 2.01 -3.01
CA LEU A 19 2.90 1.78 -2.04
C LEU A 19 2.50 2.28 -0.67
N ARG A 20 1.97 3.50 -0.62
CA ARG A 20 1.53 4.09 0.64
C ARG A 20 0.45 3.23 1.27
N ALA A 21 -0.32 2.54 0.42
CA ALA A 21 -1.39 1.67 0.90
C ALA A 21 -0.82 0.36 1.41
N ILE A 22 0.39 0.04 0.97
CA ILE A 22 1.06 -1.18 1.40
C ILE A 22 1.59 -1.00 2.81
N ASN A 23 1.85 0.25 3.17
CA ASN A 23 2.35 0.57 4.50
C ASN A 23 1.21 0.48 5.50
N ILE A 24 0.21 1.31 5.29
CA ILE A 24 -0.96 1.31 6.14
C ILE A 24 -1.52 -0.10 6.19
N ALA A 25 -1.23 -0.84 5.13
CA ALA A 25 -1.67 -2.21 5.02
C ALA A 25 -0.71 -3.13 5.77
N SER A 26 0.54 -2.69 5.88
CA SER A 26 1.56 -3.44 6.57
C SER A 26 1.39 -3.30 8.09
N THR A 27 0.90 -2.13 8.50
CA THR A 27 0.68 -1.86 9.92
C THR A 27 -0.49 -2.68 10.44
N ALA A 28 -1.59 -2.68 9.68
CA ALA A 28 -2.77 -3.44 10.05
C ALA A 28 -2.51 -4.94 9.98
N ASN A 29 -1.58 -5.33 9.10
CA ASN A 29 -1.22 -6.72 8.94
C ASN A 29 -0.91 -7.36 10.29
N ASP A 30 0.08 -6.81 10.96
CA ASP A 30 0.49 -7.30 12.27
C ASP A 30 -0.72 -7.36 13.20
N VAL A 31 -1.57 -6.36 13.10
CA VAL A 31 -2.77 -6.28 13.91
C VAL A 31 -3.64 -7.52 13.71
N PHE A 32 -3.76 -7.94 12.46
CA PHE A 32 -4.55 -9.12 12.12
C PHE A 32 -3.98 -10.36 12.80
N ASN A 33 -2.66 -10.50 12.75
CA ASN A 33 -1.99 -11.63 13.35
C ASN A 33 -2.12 -11.60 14.87
N PHE A 34 -2.39 -10.42 15.40
CA PHE A 34 -2.53 -10.25 16.85
C PHE A 34 -3.85 -10.85 17.34
N LEU A 35 -4.91 -10.65 16.56
CA LEU A 35 -6.22 -11.17 16.91
C LEU A 35 -6.54 -12.45 16.13
N LYS A 36 -5.97 -12.55 14.93
CA LYS A 36 -6.18 -13.71 14.08
C LYS A 36 -7.60 -14.24 14.23
N PRO A 37 -8.61 -13.41 13.94
CA PRO A 37 -10.02 -13.79 14.04
C PRO A 37 -10.38 -14.92 13.08
N LYS A 38 -10.49 -16.13 13.60
CA LYS A 38 -10.84 -17.29 12.79
C LYS A 38 -12.15 -17.06 12.06
N LYS A 39 -13.08 -16.38 12.74
CA LYS A 39 -14.39 -16.09 12.17
C LYS A 39 -14.87 -14.72 12.59
N ARG A 40 -13.92 -13.82 12.84
CA ARG A 40 -14.25 -12.46 13.26
C ARG A 40 -15.09 -12.47 14.53
N LYS A 41 -15.36 -11.28 15.07
CA LYS A 41 -16.15 -11.15 16.29
C LYS A 41 -15.44 -11.81 17.46
N ALA A 42 -15.64 -11.27 18.66
CA ALA A 42 -15.01 -11.81 19.85
C ALA A 42 -13.53 -12.07 19.63
N ALA A 1 -11.64 -24.14 19.72
CA ALA A 1 -12.57 -23.30 18.91
C ALA A 1 -12.00 -23.04 17.52
N LYS A 2 -12.74 -22.29 16.72
CA LYS A 2 -12.32 -21.96 15.37
C LYS A 2 -11.18 -20.94 15.39
N ILE A 3 -11.14 -20.06 14.40
CA ILE A 3 -10.10 -19.04 14.33
C ILE A 3 -10.68 -17.64 14.13
N PRO A 4 -11.71 -17.28 14.92
CA PRO A 4 -12.34 -15.96 14.81
C PRO A 4 -11.32 -14.83 14.80
N ILE A 5 -10.16 -15.08 15.41
CA ILE A 5 -9.11 -14.08 15.47
C ILE A 5 -8.61 -13.72 14.06
N LYS A 6 -8.59 -14.71 13.18
CA LYS A 6 -8.15 -14.49 11.81
C LYS A 6 -9.20 -13.71 11.03
N ALA A 7 -10.45 -13.81 11.47
CA ALA A 7 -11.55 -13.12 10.82
C ALA A 7 -11.47 -11.61 11.08
N ILE A 8 -11.10 -11.25 12.31
CA ILE A 8 -10.98 -9.85 12.68
C ILE A 8 -9.74 -9.22 12.04
N LYS A 9 -8.69 -10.02 11.92
CA LYS A 9 -7.45 -9.55 11.32
C LYS A 9 -7.62 -9.34 9.82
N THR A 10 -8.43 -10.19 9.20
CA THR A 10 -8.68 -10.08 7.77
C THR A 10 -9.47 -8.82 7.46
N VAL A 11 -10.50 -8.58 8.26
CA VAL A 11 -11.33 -7.40 8.09
C VAL A 11 -10.56 -6.15 8.49
N GLY A 12 -9.87 -6.24 9.63
CA GLY A 12 -9.08 -5.12 10.09
C GLY A 12 -7.93 -4.83 9.17
N LYS A 13 -7.48 -5.87 8.45
CA LYS A 13 -6.37 -5.72 7.51
C LYS A 13 -6.90 -5.22 6.17
N ALA A 14 -8.19 -5.39 5.94
CA ALA A 14 -8.81 -4.94 4.70
C ALA A 14 -8.89 -3.42 4.65
N VAL A 15 -9.33 -2.84 5.75
CA VAL A 15 -9.44 -1.38 5.83
C VAL A 15 -8.05 -0.76 5.93
N GLY A 16 -7.20 -1.38 6.73
CA GLY A 16 -5.85 -0.89 6.89
C GLY A 16 -5.02 -1.11 5.65
N LYS A 17 -5.33 -2.16 4.90
CA LYS A 17 -4.61 -2.47 3.67
C LYS A 17 -4.95 -1.46 2.59
N GLY A 18 -6.21 -1.00 2.59
CA GLY A 18 -6.63 -0.02 1.60
C GLY A 18 -5.87 1.27 1.73
N LEU A 19 -5.87 1.83 2.94
CA LEU A 19 -5.16 3.08 3.21
C LEU A 19 -3.65 2.84 3.21
N ARG A 20 -3.24 1.70 3.76
CA ARG A 20 -1.83 1.35 3.81
C ARG A 20 -1.27 1.23 2.40
N ALA A 21 -2.08 0.69 1.49
CA ALA A 21 -1.67 0.54 0.11
C ALA A 21 -1.46 1.89 -0.53
N ILE A 22 -2.32 2.85 -0.20
CA ILE A 22 -2.20 4.20 -0.73
C ILE A 22 -0.96 4.85 -0.16
N ASN A 23 -0.46 4.27 0.94
CA ASN A 23 0.74 4.77 1.60
C ASN A 23 1.97 4.40 0.80
N ILE A 24 2.22 3.11 0.71
CA ILE A 24 3.35 2.60 -0.05
C ILE A 24 3.33 3.24 -1.42
N ALA A 25 2.14 3.65 -1.84
CA ALA A 25 1.98 4.29 -3.13
C ALA A 25 2.25 5.78 -3.00
N SER A 26 1.99 6.32 -1.81
CA SER A 26 2.21 7.73 -1.55
C SER A 26 3.70 7.99 -1.31
N THR A 27 4.41 6.94 -0.92
CA THR A 27 5.85 7.04 -0.65
C THR A 27 6.63 7.02 -1.95
N ALA A 28 6.29 6.09 -2.83
CA ALA A 28 6.96 5.96 -4.12
C ALA A 28 6.58 7.12 -5.02
N ASN A 29 5.46 7.76 -4.73
CA ASN A 29 4.98 8.90 -5.50
C ASN A 29 5.82 10.13 -5.22
N ASP A 30 5.65 10.68 -4.01
CA ASP A 30 6.40 11.86 -3.61
C ASP A 30 7.85 11.76 -4.07
N VAL A 31 8.37 10.54 -4.02
CA VAL A 31 9.75 10.28 -4.44
C VAL A 31 9.88 10.44 -5.95
N PHE A 32 9.09 9.66 -6.67
CA PHE A 32 9.11 9.71 -8.13
C PHE A 32 8.95 11.15 -8.62
N ASN A 33 8.21 11.94 -7.85
CA ASN A 33 7.98 13.34 -8.19
C ASN A 33 9.20 14.19 -7.81
N PHE A 34 9.92 13.74 -6.79
CA PHE A 34 11.10 14.46 -6.34
C PHE A 34 12.27 14.23 -7.29
N LEU A 35 12.27 13.08 -7.94
CA LEU A 35 13.32 12.73 -8.89
C LEU A 35 12.78 12.73 -10.31
N LYS A 36 11.88 11.80 -10.60
CA LYS A 36 11.26 11.69 -11.92
C LYS A 36 12.31 11.31 -12.97
N PRO A 37 12.45 10.00 -13.23
CA PRO A 37 13.40 9.49 -14.22
C PRO A 37 13.09 9.98 -15.63
N LYS A 38 14.07 9.86 -16.52
CA LYS A 38 13.90 10.31 -17.90
C LYS A 38 12.81 9.50 -18.60
N LYS A 39 11.56 9.76 -18.23
CA LYS A 39 10.43 9.05 -18.83
C LYS A 39 10.80 7.61 -19.16
N ARG A 40 10.53 6.71 -18.22
CA ARG A 40 10.83 5.30 -18.41
C ARG A 40 9.54 4.48 -18.50
N LYS A 41 9.02 4.33 -19.72
CA LYS A 41 7.80 3.56 -19.94
C LYS A 41 7.96 2.61 -21.12
N ALA A 42 8.03 3.18 -22.32
CA ALA A 42 8.18 2.39 -23.54
C ALA A 42 9.41 1.47 -23.44
N ALA A 1 9.52 18.65 -19.39
CA ALA A 1 10.58 17.80 -18.77
C ALA A 1 11.23 16.89 -19.81
N LYS A 2 12.44 17.25 -20.21
CA LYS A 2 13.17 16.47 -21.21
C LYS A 2 14.49 15.93 -20.64
N ILE A 3 14.96 16.56 -19.56
CA ILE A 3 16.20 16.15 -18.93
C ILE A 3 15.93 15.22 -17.74
N PRO A 4 14.98 15.60 -16.87
CA PRO A 4 14.63 14.82 -15.69
C PRO A 4 13.52 13.81 -15.98
N ILE A 5 13.38 13.43 -17.24
CA ILE A 5 12.36 12.48 -17.65
C ILE A 5 12.36 11.25 -16.78
N LYS A 6 13.54 10.67 -16.57
CA LYS A 6 13.68 9.49 -15.75
C LYS A 6 13.20 9.75 -14.32
N ALA A 7 13.22 11.02 -13.93
CA ALA A 7 12.77 11.41 -12.60
C ALA A 7 11.26 11.34 -12.48
N ILE A 8 10.57 11.78 -13.54
CA ILE A 8 9.12 11.77 -13.57
C ILE A 8 8.57 10.34 -13.50
N LYS A 9 9.25 9.43 -14.18
CA LYS A 9 8.85 8.04 -14.20
C LYS A 9 9.04 7.41 -12.82
N THR A 10 10.13 7.80 -12.16
CA THR A 10 10.44 7.29 -10.83
C THR A 10 9.30 7.59 -9.87
N VAL A 11 8.74 8.79 -9.96
CA VAL A 11 7.63 9.18 -9.09
C VAL A 11 6.41 8.30 -9.33
N GLY A 12 6.06 8.12 -10.59
CA GLY A 12 4.92 7.29 -10.93
C GLY A 12 5.08 5.88 -10.42
N LYS A 13 6.33 5.46 -10.23
CA LYS A 13 6.63 4.12 -9.74
C LYS A 13 6.52 4.08 -8.21
N ALA A 14 6.92 5.17 -7.57
CA ALA A 14 6.86 5.25 -6.12
C ALA A 14 5.43 5.38 -5.63
N VAL A 15 4.60 6.06 -6.43
CA VAL A 15 3.20 6.25 -6.10
C VAL A 15 2.39 4.99 -6.38
N GLY A 16 2.82 4.26 -7.41
CA GLY A 16 2.13 3.02 -7.76
C GLY A 16 2.49 1.88 -6.83
N LYS A 17 3.72 1.90 -6.33
CA LYS A 17 4.19 0.87 -5.42
C LYS A 17 3.82 1.21 -3.97
N GLY A 18 3.84 2.50 -3.67
CA GLY A 18 3.49 2.94 -2.33
C GLY A 18 2.02 2.73 -2.04
N LEU A 19 1.18 3.10 -3.00
CA LEU A 19 -0.26 2.95 -2.86
C LEU A 19 -0.64 1.48 -2.89
N ARG A 20 -0.01 0.73 -3.79
CA ARG A 20 -0.28 -0.70 -3.92
C ARG A 20 -0.06 -1.39 -2.59
N ALA A 21 0.96 -0.97 -1.86
CA ALA A 21 1.27 -1.54 -0.56
C ALA A 21 0.15 -1.27 0.42
N ILE A 22 -0.36 -0.04 0.39
CA ILE A 22 -1.46 0.34 1.26
C ILE A 22 -2.72 -0.43 0.85
N ASN A 23 -2.64 -1.08 -0.32
CA ASN A 23 -3.75 -1.86 -0.83
C ASN A 23 -3.89 -3.17 -0.09
N ILE A 24 -2.87 -4.01 -0.20
CA ILE A 24 -2.87 -5.28 0.48
C ILE A 24 -2.99 -5.03 1.97
N ALA A 25 -2.56 -3.84 2.37
CA ALA A 25 -2.65 -3.44 3.76
C ALA A 25 -4.03 -2.91 4.06
N SER A 26 -4.71 -2.44 3.00
CA SER A 26 -6.06 -1.90 3.14
C SER A 26 -7.08 -3.02 3.36
N THR A 27 -6.87 -4.14 2.66
CA THR A 27 -7.76 -5.28 2.78
C THR A 27 -7.49 -6.04 4.08
N ALA A 28 -6.22 -6.07 4.49
CA ALA A 28 -5.83 -6.75 5.71
C ALA A 28 -6.13 -5.88 6.93
N ASN A 29 -6.32 -4.58 6.69
CA ASN A 29 -6.62 -3.65 7.77
C ASN A 29 -8.03 -3.91 8.32
N ASP A 30 -9.03 -3.66 7.48
CA ASP A 30 -10.41 -3.88 7.88
C ASP A 30 -10.59 -5.24 8.53
N VAL A 31 -9.92 -6.24 7.96
CA VAL A 31 -9.98 -7.60 8.48
C VAL A 31 -9.39 -7.67 9.88
N PHE A 32 -8.20 -7.11 10.02
CA PHE A 32 -7.51 -7.10 11.30
C PHE A 32 -8.33 -6.37 12.37
N ASN A 33 -9.36 -5.65 11.93
CA ASN A 33 -10.21 -4.91 12.86
C ASN A 33 -11.64 -5.45 12.85
N PHE A 34 -11.89 -6.43 11.99
CA PHE A 34 -13.23 -7.01 11.89
C PHE A 34 -13.31 -8.32 12.69
N LEU A 35 -12.38 -9.23 12.43
CA LEU A 35 -12.35 -10.51 13.12
C LEU A 35 -11.21 -10.56 14.13
N LYS A 36 -10.10 -9.91 13.79
CA LYS A 36 -8.93 -9.87 14.68
C LYS A 36 -8.81 -11.15 15.49
N PRO A 37 -8.35 -12.24 14.86
CA PRO A 37 -8.19 -13.53 15.51
C PRO A 37 -6.85 -13.65 16.24
N LYS A 38 -5.87 -14.29 15.59
CA LYS A 38 -4.55 -14.46 16.19
C LYS A 38 -4.65 -15.29 17.46
N LYS A 39 -5.24 -14.70 18.48
CA LYS A 39 -5.41 -15.37 19.76
C LYS A 39 -6.86 -15.84 19.93
N ARG A 40 -7.73 -15.39 19.03
CA ARG A 40 -9.14 -15.76 19.08
C ARG A 40 -9.90 -14.88 20.06
N LYS A 41 -10.23 -13.67 19.62
CA LYS A 41 -10.97 -12.73 20.46
C LYS A 41 -10.47 -12.78 21.90
N ALA A 42 -9.16 -12.68 22.08
CA ALA A 42 -8.56 -12.72 23.42
C ALA A 42 -8.90 -14.03 24.12
N ALA A 1 12.49 18.86 -20.79
CA ALA A 1 12.67 19.11 -22.25
C ALA A 1 13.74 18.19 -22.83
N LYS A 2 13.29 17.13 -23.49
CA LYS A 2 14.22 16.16 -24.09
C LYS A 2 14.73 15.17 -23.05
N ILE A 3 13.99 15.04 -21.96
CA ILE A 3 14.37 14.13 -20.89
C ILE A 3 13.16 13.65 -20.11
N PRO A 4 12.28 12.88 -20.75
CA PRO A 4 11.08 12.34 -20.11
C PRO A 4 11.41 11.41 -18.95
N ILE A 5 12.63 10.86 -18.98
CA ILE A 5 13.07 9.94 -17.94
C ILE A 5 12.70 10.45 -16.55
N LYS A 6 13.40 11.49 -16.11
CA LYS A 6 13.14 12.07 -14.80
C LYS A 6 11.65 12.20 -14.55
N ALA A 7 10.87 12.33 -15.62
CA ALA A 7 9.43 12.46 -15.51
C ALA A 7 8.78 11.11 -15.24
N ILE A 8 9.24 10.08 -15.95
CA ILE A 8 8.70 8.74 -15.78
C ILE A 8 9.20 8.13 -14.48
N LYS A 9 10.39 8.55 -14.05
CA LYS A 9 10.98 8.05 -12.82
C LYS A 9 10.32 8.70 -11.60
N THR A 10 9.96 9.97 -11.75
CA THR A 10 9.31 10.70 -10.66
C THR A 10 7.90 10.19 -10.44
N VAL A 11 7.26 9.74 -11.52
CA VAL A 11 5.90 9.22 -11.44
C VAL A 11 5.92 7.80 -10.89
N GLY A 12 6.99 7.07 -11.19
CA GLY A 12 7.11 5.71 -10.71
C GLY A 12 7.28 5.67 -9.20
N LYS A 13 7.92 6.71 -8.65
CA LYS A 13 8.13 6.78 -7.21
C LYS A 13 6.91 7.39 -6.52
N ALA A 14 6.15 8.18 -7.28
CA ALA A 14 4.96 8.81 -6.75
C ALA A 14 3.86 7.78 -6.53
N VAL A 15 3.65 6.93 -7.53
CA VAL A 15 2.65 5.88 -7.44
C VAL A 15 3.05 4.87 -6.39
N GLY A 16 4.34 4.53 -6.39
CA GLY A 16 4.85 3.59 -5.41
C GLY A 16 4.64 4.06 -3.99
N LYS A 17 4.61 5.39 -3.82
CA LYS A 17 4.41 5.99 -2.51
C LYS A 17 2.94 5.91 -2.10
N GLY A 18 2.08 6.44 -2.94
CA GLY A 18 0.66 6.41 -2.67
C GLY A 18 0.13 4.99 -2.56
N LEU A 19 0.77 4.08 -3.29
CA LEU A 19 0.37 2.68 -3.29
C LEU A 19 0.82 2.01 -2.00
N ARG A 20 2.07 2.26 -1.61
CA ARG A 20 2.61 1.66 -0.39
C ARG A 20 1.86 2.15 0.83
N ALA A 21 1.46 3.42 0.81
CA ALA A 21 0.72 3.98 1.92
C ALA A 21 -0.63 3.28 2.02
N ILE A 22 -1.19 2.97 0.86
CA ILE A 22 -2.46 2.26 0.81
C ILE A 22 -2.26 0.83 1.29
N ASN A 23 -0.99 0.40 1.33
CA ASN A 23 -0.64 -0.93 1.78
C ASN A 23 -0.83 -1.07 3.27
N ILE A 24 -0.05 -0.33 4.04
CA ILE A 24 -0.16 -0.38 5.49
C ILE A 24 -1.56 0.06 5.87
N ALA A 25 -2.21 0.74 4.94
CA ALA A 25 -3.57 1.19 5.15
C ALA A 25 -4.53 0.07 4.79
N SER A 26 -4.07 -0.84 3.93
CA SER A 26 -4.88 -1.98 3.52
C SER A 26 -4.84 -3.06 4.58
N THR A 27 -3.65 -3.26 5.15
CA THR A 27 -3.49 -4.25 6.21
C THR A 27 -4.30 -3.85 7.42
N ALA A 28 -4.24 -2.57 7.76
CA ALA A 28 -4.97 -2.03 8.90
C ALA A 28 -6.44 -2.46 8.85
N ASN A 29 -7.02 -2.42 7.65
CA ASN A 29 -8.41 -2.81 7.47
C ASN A 29 -8.58 -4.30 7.71
N ASP A 30 -7.95 -5.10 6.86
CA ASP A 30 -8.03 -6.55 6.98
C ASP A 30 -7.70 -6.97 8.40
N VAL A 31 -6.74 -6.28 9.01
CA VAL A 31 -6.33 -6.57 10.37
C VAL A 31 -7.51 -6.42 11.32
N PHE A 32 -8.16 -5.27 11.26
CA PHE A 32 -9.30 -4.98 12.11
C PHE A 32 -10.37 -6.07 11.99
N ASN A 33 -10.36 -6.76 10.84
CA ASN A 33 -11.33 -7.83 10.59
C ASN A 33 -10.65 -9.19 10.62
N PHE A 34 -9.38 -9.22 10.99
CA PHE A 34 -8.62 -10.47 11.03
C PHE A 34 -8.49 -10.97 12.47
N LEU A 35 -8.59 -10.06 13.43
CA LEU A 35 -8.47 -10.42 14.85
C LEU A 35 -9.84 -10.58 15.48
N LYS A 36 -10.72 -11.33 14.82
CA LYS A 36 -12.07 -11.55 15.33
C LYS A 36 -12.47 -13.02 15.17
N PRO A 37 -11.56 -13.94 15.52
CA PRO A 37 -11.81 -15.38 15.44
C PRO A 37 -12.69 -15.88 16.58
N LYS A 38 -13.87 -16.41 16.23
CA LYS A 38 -14.81 -16.91 17.24
C LYS A 38 -14.36 -18.28 17.76
N LYS A 39 -13.99 -19.16 16.84
CA LYS A 39 -13.56 -20.50 17.21
C LYS A 39 -12.12 -20.75 16.76
N ARG A 40 -11.34 -19.68 16.65
CA ARG A 40 -9.94 -19.79 16.23
C ARG A 40 -9.09 -18.69 16.88
N LYS A 41 -9.30 -18.47 18.17
CA LYS A 41 -8.55 -17.45 18.90
C LYS A 41 -7.05 -17.60 18.65
N ALA A 42 -6.33 -16.49 18.70
CA ALA A 42 -4.89 -16.50 18.48
C ALA A 42 -4.19 -15.51 19.39
#